data_4XJP
#
_entry.id   4XJP
#
_cell.length_a   63.469
_cell.length_b   65.920
_cell.length_c   204.252
_cell.angle_alpha   90.000
_cell.angle_beta   90.000
_cell.angle_gamma   90.000
#
_symmetry.space_group_name_H-M   'P 21 21 21'
#
loop_
_entity.id
_entity.type
_entity.pdbx_description
1 polymer 'Adenosylmethionine-8-amino-7-oxononanoate aminotransferase'
2 non-polymer "PYRIDOXAL-5'-PHOSPHATE"
3 non-polymer 1-{4-[4-(1,3-benzodioxol-5-ylcarbonyl)piperazin-1-yl]phenyl}ethanone
4 non-polymer 1,2-ETHANEDIOL
5 non-polymer DI(HYDROXYETHYL)ETHER
6 water water
#
_entity_poly.entity_id   1
_entity_poly.type   'polypeptide(L)'
_entity_poly.pdbx_seq_one_letter_code
;MGSSHHHHHHSSGLVPRGSHMAAATGGLTPEQIIAVDGAHLWHPYSSIGREAVSPVVAVAAHGAWLTLIRDGQPIEVLDA
MSSWWTAIHGHGHPALDQALTTQLRVMNHVMFGGLTHEPAARLAKLLVDITPAGLDTVFFSDSGSVSVEVAAKMALQYWR
GRGLPGKRRLMTWRGGYHGDTFLAMSICDPHGGMHSLWTDVLAAQVFAPQVPRDYDPAYSAAFEAQLAQHAGELAAVVVE
PVVQGAGGMRFHDPRYLHDLRDICRRYEVLLIFDEIATGFGRTGALFAADHAGVSPDIMCVGKALTGGYLSLAATLCTAD
VAHTISAGAAGALMHGPTFMANPLACAVSVASVELLLGQDWRTRITELAAGLTAGLDTARALPAVTDVRVCGAIGVIECD
RPVDLAVATPAALDRGVWLRPFRNLVYAMPPYICTPAEITQITSAMVEVARLVGSLP
;
_entity_poly.pdbx_strand_id   A,B
#
# COMPACT_ATOMS: atom_id res chain seq x y z
N LEU A 28 24.10 -14.20 -0.63
CA LEU A 28 24.48 -13.86 0.74
C LEU A 28 24.32 -15.05 1.67
N THR A 29 25.31 -15.24 2.54
CA THR A 29 25.22 -16.25 3.59
C THR A 29 24.27 -15.75 4.67
N PRO A 30 23.74 -16.66 5.49
CA PRO A 30 22.88 -16.25 6.61
C PRO A 30 23.54 -15.22 7.53
N GLU A 31 24.83 -15.36 7.78
CA GLU A 31 25.52 -14.39 8.63
C GLU A 31 25.64 -13.03 7.94
N GLN A 32 25.82 -13.03 6.63
CA GLN A 32 25.85 -11.80 5.85
C GLN A 32 24.49 -11.08 5.89
N ILE A 33 23.42 -11.86 5.76
CA ILE A 33 22.06 -11.34 5.82
C ILE A 33 21.79 -10.71 7.18
N ILE A 34 22.16 -11.41 8.25
CA ILE A 34 22.02 -10.88 9.60
C ILE A 34 22.78 -9.56 9.78
N ALA A 35 23.98 -9.46 9.22
CA ALA A 35 24.78 -8.24 9.34
C ALA A 35 24.14 -7.07 8.59
N VAL A 36 23.70 -7.33 7.35
CA VAL A 36 23.00 -6.30 6.59
C VAL A 36 21.73 -5.87 7.31
N ASP A 37 20.99 -6.85 7.78
CA ASP A 37 19.72 -6.61 8.46
C ASP A 37 19.87 -5.72 9.71
N GLY A 38 20.84 -6.03 10.56
CA GLY A 38 21.01 -5.30 11.80
C GLY A 38 21.38 -3.84 11.56
N ALA A 39 22.11 -3.58 10.49
CA ALA A 39 22.56 -2.24 10.19
C ALA A 39 21.52 -1.41 9.41
N HIS A 40 20.72 -2.06 8.57
CA HIS A 40 19.99 -1.30 7.55
C HIS A 40 18.50 -1.54 7.48
N LEU A 41 17.97 -2.57 8.15
CA LEU A 41 16.57 -2.92 7.94
C LEU A 41 15.66 -2.68 9.14
N TRP A 42 14.63 -1.86 8.93
CA TRP A 42 13.52 -1.78 9.87
C TRP A 42 12.63 -3.03 9.76
N HIS A 43 12.09 -3.47 10.88
CA HIS A 43 11.09 -4.54 10.90
C HIS A 43 9.77 -4.01 11.46
N PRO A 44 8.67 -4.80 11.41
CA PRO A 44 7.43 -4.22 11.94
C PRO A 44 7.54 -3.82 13.40
N TYR A 45 7.20 -2.56 13.68
CA TYR A 45 7.16 -2.07 15.06
C TYR A 45 8.46 -2.34 15.79
N SER A 46 9.57 -2.09 15.10
CA SER A 46 10.90 -2.40 15.59
C SER A 46 11.77 -1.18 15.78
N SER A 47 12.93 -1.40 16.38
CA SER A 47 13.98 -0.39 16.44
C SER A 47 15.03 -0.63 15.37
N ILE A 48 15.98 0.30 15.28
CA ILE A 48 17.25 0.04 14.65
C ILE A 48 18.28 0.04 15.77
N GLY A 49 18.97 -1.08 15.93
CA GLY A 49 20.08 -1.18 16.87
C GLY A 49 19.75 -1.46 18.32
N ARG A 50 18.45 -1.63 18.62
CA ARG A 50 18.03 -1.88 20.00
C ARG A 50 17.13 -3.11 20.10
N GLU A 51 17.27 -4.04 19.15
CA GLU A 51 16.47 -5.27 19.16
C GLU A 51 16.97 -6.23 20.23
N ALA A 52 16.05 -6.79 21.01
CA ALA A 52 16.41 -7.73 22.07
C ALA A 52 16.98 -8.99 21.43
N VAL A 53 16.33 -9.46 20.37
CA VAL A 53 16.76 -10.65 19.65
C VAL A 53 16.90 -10.37 18.16
N SER A 54 17.91 -10.97 17.54
CA SER A 54 18.05 -10.88 16.09
C SER A 54 16.89 -11.59 15.41
N PRO A 55 16.47 -11.10 14.24
CA PRO A 55 15.50 -11.91 13.50
C PRO A 55 16.14 -13.22 13.06
N VAL A 56 15.30 -14.21 12.77
CA VAL A 56 15.76 -15.51 12.27
C VAL A 56 15.77 -15.49 10.76
N VAL A 57 16.82 -16.00 10.14
CA VAL A 57 16.91 -16.00 8.68
C VAL A 57 16.01 -17.09 8.09
N ALA A 58 15.12 -16.68 7.19
CA ALA A 58 14.28 -17.62 6.45
C ALA A 58 14.85 -17.82 5.06
N VAL A 59 14.99 -19.07 4.64
CA VAL A 59 15.61 -19.36 3.35
C VAL A 59 14.71 -20.11 2.36
N ALA A 60 13.58 -20.63 2.84
CA ALA A 60 12.60 -21.28 1.96
C ALA A 60 11.25 -21.36 2.64
N ALA A 61 10.20 -21.51 1.83
CA ALA A 61 8.86 -21.76 2.36
C ALA A 61 8.11 -22.61 1.37
N HIS A 62 7.56 -23.72 1.85
CA HIS A 62 6.85 -24.69 0.99
C HIS A 62 5.73 -25.33 1.79
N GLY A 63 4.51 -25.26 1.28
CA GLY A 63 3.35 -25.79 1.99
C GLY A 63 3.19 -25.08 3.33
N ALA A 64 2.98 -25.85 4.40
CA ALA A 64 2.82 -25.26 5.73
C ALA A 64 4.14 -25.02 6.44
N TRP A 65 5.26 -25.25 5.75
CA TRP A 65 6.57 -25.27 6.39
C TRP A 65 7.52 -24.17 5.96
N LEU A 66 8.21 -23.58 6.93
CA LEU A 66 9.30 -22.65 6.68
C LEU A 66 10.63 -23.36 6.87
N THR A 67 11.62 -22.99 6.08
CA THR A 67 13.00 -23.40 6.38
C THR A 67 13.76 -22.23 6.96
N LEU A 68 14.16 -22.37 8.22
CA LEU A 68 14.80 -21.31 8.97
C LEU A 68 16.22 -21.73 9.33
N ILE A 69 17.11 -20.75 9.48
CA ILE A 69 18.47 -21.07 9.89
C ILE A 69 18.62 -20.94 11.39
N ARG A 70 18.94 -22.06 12.04
CA ARG A 70 19.13 -22.06 13.49
C ARG A 70 20.49 -22.65 13.80
N ASP A 71 21.36 -21.83 14.40
CA ASP A 71 22.74 -22.22 14.70
C ASP A 71 23.47 -22.70 13.46
N GLY A 72 23.34 -21.93 12.37
CA GLY A 72 24.04 -22.22 11.13
C GLY A 72 23.44 -23.37 10.33
N GLN A 73 22.38 -23.98 10.86
CA GLN A 73 21.75 -25.13 10.21
C GLN A 73 20.28 -24.90 9.85
N PRO A 74 19.89 -25.30 8.64
CA PRO A 74 18.49 -25.21 8.20
C PRO A 74 17.60 -26.17 8.98
N ILE A 75 16.44 -25.68 9.44
CA ILE A 75 15.44 -26.49 10.11
C ILE A 75 14.08 -26.18 9.52
N GLU A 76 13.23 -27.20 9.43
CA GLU A 76 11.87 -27.03 8.93
C GLU A 76 10.91 -26.88 10.09
N VAL A 77 10.14 -25.80 10.10
CA VAL A 77 9.17 -25.56 11.16
C VAL A 77 7.82 -25.16 10.58
N LEU A 78 6.75 -25.46 11.32
CA LEU A 78 5.40 -25.12 10.87
C LEU A 78 5.11 -23.63 10.99
N ASP A 79 4.54 -23.07 9.92
CA ASP A 79 4.17 -21.64 9.88
C ASP A 79 2.83 -21.47 10.58
N ALA A 80 2.85 -21.50 11.90
CA ALA A 80 1.60 -21.49 12.67
C ALA A 80 0.86 -20.16 12.56
N MET A 81 1.58 -19.12 12.14
CA MET A 81 0.99 -17.79 12.03
C MET A 81 0.44 -17.51 10.63
N SER A 82 0.55 -18.49 9.74
CA SER A 82 0.29 -18.30 8.32
C SER A 82 0.97 -17.03 7.80
N SER A 83 2.18 -16.75 8.28
CA SER A 83 2.90 -15.53 7.87
C SER A 83 2.02 -14.30 7.99
N TRP A 84 1.51 -14.11 9.20
CA TRP A 84 0.64 -12.99 9.56
C TRP A 84 -0.66 -13.02 8.76
N TRP A 85 -1.37 -14.13 8.88
CA TRP A 85 -2.72 -14.35 8.31
C TRP A 85 -2.76 -14.53 6.79
N THR A 86 -1.63 -14.51 6.11
CA THR A 86 -1.67 -14.45 4.65
C THR A 86 -1.72 -15.82 3.97
N ALA A 87 -1.02 -16.80 4.52
CA ALA A 87 -0.72 -18.03 3.78
C ALA A 87 -1.81 -19.11 3.91
N ILE A 88 -3.04 -18.78 3.54
CA ILE A 88 -4.16 -19.68 3.80
C ILE A 88 -4.05 -21.03 3.06
N HIS A 89 -3.43 -21.04 1.89
CA HIS A 89 -3.24 -22.27 1.12
C HIS A 89 -1.84 -22.85 1.28
N GLY A 90 -1.07 -22.32 2.22
CA GLY A 90 0.34 -22.68 2.32
C GLY A 90 1.18 -21.97 1.26
N HIS A 91 2.49 -22.07 1.42
CA HIS A 91 3.44 -21.43 0.52
C HIS A 91 3.70 -22.28 -0.71
N GLY A 92 3.94 -21.65 -1.86
CA GLY A 92 4.29 -22.41 -3.06
C GLY A 92 3.27 -23.44 -3.48
N HIS A 93 2.00 -23.06 -3.42
CA HIS A 93 0.93 -23.91 -3.92
C HIS A 93 1.00 -23.96 -5.44
N PRO A 94 0.94 -25.16 -6.03
CA PRO A 94 1.11 -25.23 -7.49
C PRO A 94 0.09 -24.41 -8.28
N ALA A 95 -1.14 -24.30 -7.82
CA ALA A 95 -2.17 -23.58 -8.57
C ALA A 95 -1.88 -22.09 -8.56
N LEU A 96 -1.32 -21.62 -7.45
CA LEU A 96 -1.08 -20.19 -7.31
C LEU A 96 0.23 -19.80 -7.99
N ASP A 97 1.24 -20.64 -7.84
CA ASP A 97 2.49 -20.48 -8.58
C ASP A 97 2.21 -20.37 -10.09
N GLN A 98 1.45 -21.33 -10.61
CA GLN A 98 1.12 -21.37 -12.04
C GLN A 98 0.28 -20.17 -12.48
N ALA A 99 -0.65 -19.73 -11.65
CA ALA A 99 -1.42 -18.54 -11.97
C ALA A 99 -0.52 -17.32 -12.15
N LEU A 100 0.48 -17.19 -11.29
CA LEU A 100 1.41 -16.08 -11.40
C LEU A 100 2.22 -16.17 -12.69
N THR A 101 2.84 -17.32 -12.96
CA THR A 101 3.71 -17.43 -14.13
C THR A 101 2.92 -17.36 -15.44
N THR A 102 1.68 -17.82 -15.43
CA THR A 102 0.83 -17.74 -16.61
C THR A 102 0.54 -16.28 -16.96
N GLN A 103 0.20 -15.48 -15.95
CA GLN A 103 -0.05 -14.06 -16.17
C GLN A 103 1.22 -13.31 -16.55
N LEU A 104 2.34 -13.71 -15.96
CA LEU A 104 3.62 -13.07 -16.23
C LEU A 104 4.01 -13.15 -17.71
N ARG A 105 3.61 -14.25 -18.33
CA ARG A 105 3.90 -14.51 -19.73
C ARG A 105 3.19 -13.55 -20.68
N VAL A 106 2.07 -12.97 -20.24
CA VAL A 106 1.32 -12.09 -21.12
C VAL A 106 1.31 -10.60 -20.74
N MET A 107 1.26 -10.28 -19.44
N MET A 107 1.24 -10.30 -19.44
CA MET A 107 1.12 -8.88 -19.03
CA MET A 107 1.10 -8.90 -18.99
C MET A 107 1.40 -8.72 -17.53
C MET A 107 1.43 -8.76 -17.52
N ASN A 108 2.55 -8.15 -17.19
CA ASN A 108 2.93 -7.96 -15.80
C ASN A 108 2.07 -6.90 -15.12
N HIS A 109 1.88 -5.78 -15.83
CA HIS A 109 1.16 -4.66 -15.28
C HIS A 109 0.83 -3.68 -16.37
N VAL A 110 -0.33 -3.07 -16.29
CA VAL A 110 -0.60 -1.84 -17.04
C VAL A 110 -1.30 -0.84 -16.12
N MET A 111 -1.18 0.45 -16.43
CA MET A 111 -1.85 1.46 -15.62
C MET A 111 -3.35 1.31 -15.74
N PHE A 112 -4.06 1.49 -14.62
CA PHE A 112 -5.49 1.29 -14.63
C PHE A 112 -6.24 2.57 -15.00
N GLY A 113 -5.54 3.68 -15.20
CA GLY A 113 -6.22 4.89 -15.66
C GLY A 113 -6.48 4.81 -17.17
N GLY A 114 -7.73 4.59 -17.56
CA GLY A 114 -8.10 4.56 -18.97
C GLY A 114 -8.03 3.18 -19.60
N LEU A 115 -7.50 2.21 -18.86
CA LEU A 115 -7.38 0.82 -19.34
C LEU A 115 -8.05 -0.12 -18.36
N THR A 116 -8.52 -1.25 -18.87
CA THR A 116 -8.97 -2.31 -17.98
C THR A 116 -8.42 -3.64 -18.49
N HIS A 117 -8.61 -4.71 -17.73
CA HIS A 117 -8.03 -5.99 -18.10
C HIS A 117 -8.75 -7.16 -17.46
N GLU A 118 -8.47 -8.36 -17.98
CA GLU A 118 -9.17 -9.56 -17.57
C GLU A 118 -8.97 -9.94 -16.10
N PRO A 119 -7.73 -9.87 -15.57
CA PRO A 119 -7.60 -10.23 -14.15
C PRO A 119 -8.43 -9.33 -13.22
N ALA A 120 -8.48 -8.03 -13.49
CA ALA A 120 -9.30 -7.15 -12.65
C ALA A 120 -10.78 -7.47 -12.76
N ALA A 121 -11.25 -7.75 -13.97
CA ALA A 121 -12.65 -8.05 -14.18
C ALA A 121 -13.02 -9.38 -13.55
N ARG A 122 -12.17 -10.37 -13.73
CA ARG A 122 -12.46 -11.69 -13.14
C ARG A 122 -12.52 -11.60 -11.61
N LEU A 123 -11.57 -10.90 -11.00
CA LEU A 123 -11.53 -10.80 -9.55
C LEU A 123 -12.69 -9.96 -9.03
N ALA A 124 -13.01 -8.86 -9.72
CA ALA A 124 -14.12 -8.05 -9.26
C ALA A 124 -15.43 -8.84 -9.31
N LYS A 125 -15.63 -9.60 -10.39
CA LYS A 125 -16.84 -10.41 -10.55
C LYS A 125 -16.95 -11.41 -9.40
N LEU A 126 -15.85 -12.10 -9.10
N LEU A 126 -15.84 -12.08 -9.11
CA LEU A 126 -15.81 -13.05 -7.99
CA LEU A 126 -15.75 -13.05 -8.01
C LEU A 126 -16.13 -12.39 -6.65
C LEU A 126 -16.09 -12.42 -6.65
N LEU A 127 -15.45 -11.28 -6.37
CA LEU A 127 -15.63 -10.63 -5.07
C LEU A 127 -17.05 -10.11 -4.86
N VAL A 128 -17.66 -9.54 -5.89
N VAL A 128 -17.68 -9.55 -5.88
CA VAL A 128 -19.04 -9.07 -5.78
CA VAL A 128 -19.05 -9.06 -5.71
C VAL A 128 -19.96 -10.24 -5.49
C VAL A 128 -20.03 -10.22 -5.58
N ASP A 129 -19.67 -11.38 -6.13
CA ASP A 129 -20.52 -12.56 -5.98
C ASP A 129 -20.49 -13.18 -4.59
N ILE A 130 -19.33 -13.18 -3.95
CA ILE A 130 -19.17 -13.97 -2.72
C ILE A 130 -19.21 -13.15 -1.43
N THR A 131 -19.14 -11.83 -1.55
CA THR A 131 -19.22 -11.00 -0.38
C THR A 131 -20.68 -10.80 0.05
N PRO A 132 -20.89 -10.23 1.26
CA PRO A 132 -22.27 -9.98 1.68
C PRO A 132 -23.10 -9.22 0.65
N ALA A 133 -24.39 -9.53 0.61
CA ALA A 133 -25.25 -8.99 -0.44
C ALA A 133 -25.23 -7.47 -0.52
N GLY A 134 -25.20 -6.96 -1.74
CA GLY A 134 -25.31 -5.53 -1.96
C GLY A 134 -24.00 -4.83 -2.21
N LEU A 135 -22.89 -5.54 -1.98
CA LEU A 135 -21.58 -4.95 -2.23
C LEU A 135 -21.23 -5.15 -3.71
N ASP A 136 -21.50 -4.11 -4.50
CA ASP A 136 -21.55 -4.20 -5.96
C ASP A 136 -20.38 -3.57 -6.72
N THR A 137 -19.54 -2.81 -6.03
CA THR A 137 -18.42 -2.15 -6.72
C THR A 137 -17.16 -2.41 -5.92
N VAL A 138 -16.02 -2.43 -6.61
CA VAL A 138 -14.74 -2.85 -6.05
C VAL A 138 -13.63 -1.85 -6.38
N PHE A 139 -12.97 -1.33 -5.35
CA PHE A 139 -11.81 -0.45 -5.51
C PHE A 139 -10.56 -1.20 -5.06
N PHE A 140 -9.67 -1.50 -5.99
CA PHE A 140 -8.44 -2.21 -5.61
C PHE A 140 -7.35 -1.24 -5.15
N SER A 141 -6.60 -1.67 -4.13
CA SER A 141 -5.42 -0.92 -3.69
C SER A 141 -4.34 -1.90 -3.26
N ASP A 142 -3.28 -1.39 -2.67
CA ASP A 142 -2.12 -2.26 -2.47
C ASP A 142 -1.93 -2.77 -1.04
N SER A 143 -2.74 -2.29 -0.11
CA SER A 143 -2.60 -2.73 1.27
C SER A 143 -3.87 -2.48 2.08
N GLY A 144 -3.99 -3.23 3.17
CA GLY A 144 -5.09 -3.07 4.09
C GLY A 144 -5.30 -1.67 4.63
N SER A 145 -4.21 -1.03 5.06
CA SER A 145 -4.32 0.32 5.61
C SER A 145 -4.87 1.28 4.56
N VAL A 146 -4.37 1.19 3.34
CA VAL A 146 -4.89 2.02 2.26
C VAL A 146 -6.37 1.71 2.02
N SER A 147 -6.74 0.42 2.05
CA SER A 147 -8.14 0.07 1.79
C SER A 147 -9.08 0.66 2.85
N VAL A 148 -8.58 0.78 4.08
CA VAL A 148 -9.35 1.41 5.16
C VAL A 148 -9.48 2.94 4.91
N GLU A 149 -8.42 3.56 4.43
CA GLU A 149 -8.50 4.98 4.12
C GLU A 149 -9.44 5.23 2.93
N VAL A 150 -9.44 4.33 1.95
CA VAL A 150 -10.40 4.40 0.86
C VAL A 150 -11.84 4.26 1.38
N ALA A 151 -12.05 3.33 2.31
CA ALA A 151 -13.38 3.18 2.92
C ALA A 151 -13.86 4.46 3.59
N ALA A 152 -12.98 5.10 4.36
CA ALA A 152 -13.34 6.36 5.00
C ALA A 152 -13.61 7.44 3.97
N LYS A 153 -12.80 7.49 2.93
CA LYS A 153 -12.99 8.47 1.86
C LYS A 153 -14.33 8.24 1.17
N MET A 154 -14.69 6.99 0.92
CA MET A 154 -16.02 6.71 0.35
C MET A 154 -17.12 7.24 1.26
N ALA A 155 -17.00 6.97 2.56
CA ALA A 155 -18.04 7.41 3.50
C ALA A 155 -18.10 8.94 3.56
N LEU A 156 -16.95 9.60 3.57
CA LEU A 156 -16.96 11.05 3.68
C LEU A 156 -17.51 11.68 2.40
N GLN A 157 -17.13 11.16 1.23
CA GLN A 157 -17.63 11.70 -0.03
C GLN A 157 -19.10 11.38 -0.22
N TYR A 158 -19.53 10.26 0.35
CA TYR A 158 -20.95 9.91 0.31
C TYR A 158 -21.78 11.01 0.97
N TRP A 159 -21.44 11.33 2.21
CA TRP A 159 -22.26 12.32 2.92
C TRP A 159 -22.11 13.71 2.32
N ARG A 160 -20.94 14.04 1.78
CA ARG A 160 -20.81 15.33 1.11
C ARG A 160 -21.68 15.35 -0.17
N GLY A 161 -21.82 14.21 -0.82
CA GLY A 161 -22.72 14.08 -1.95
C GLY A 161 -24.19 14.20 -1.57
N ARG A 162 -24.49 14.05 -0.27
CA ARG A 162 -25.86 14.22 0.23
C ARG A 162 -26.04 15.59 0.87
N GLY A 163 -25.05 16.45 0.72
CA GLY A 163 -25.13 17.79 1.29
C GLY A 163 -25.01 17.82 2.81
N LEU A 164 -24.39 16.79 3.38
CA LEU A 164 -24.19 16.72 4.83
C LEU A 164 -22.70 16.56 5.20
N PRO A 165 -21.87 17.58 4.88
CA PRO A 165 -20.42 17.48 5.12
C PRO A 165 -20.06 17.45 6.60
N GLY A 166 -21.00 17.74 7.47
CA GLY A 166 -20.75 17.67 8.90
C GLY A 166 -20.56 16.23 9.35
N LYS A 167 -21.04 15.30 8.53
CA LYS A 167 -20.90 13.87 8.84
C LYS A 167 -19.51 13.42 8.40
N ARG A 168 -18.54 13.61 9.29
CA ARG A 168 -17.13 13.42 8.91
C ARG A 168 -16.29 12.68 9.96
N ARG A 169 -16.89 12.31 11.08
CA ARG A 169 -16.18 11.55 12.12
C ARG A 169 -16.55 10.08 12.00
N LEU A 170 -15.72 9.25 12.63
CA LEU A 170 -15.94 7.80 12.68
C LEU A 170 -16.21 7.36 14.10
N MET A 171 -17.00 6.29 14.25
CA MET A 171 -17.25 5.69 15.55
C MET A 171 -16.86 4.22 15.53
N THR A 172 -16.29 3.75 16.63
CA THR A 172 -15.95 2.33 16.71
C THR A 172 -16.02 1.89 18.17
N TRP A 173 -15.80 0.60 18.42
CA TRP A 173 -15.66 0.14 19.79
C TRP A 173 -14.17 -0.07 20.09
N ARG A 174 -13.81 -0.10 21.37
CA ARG A 174 -12.42 -0.29 21.75
C ARG A 174 -11.94 -1.71 21.43
N GLY A 175 -10.63 -1.90 21.45
CA GLY A 175 -10.03 -3.20 21.17
C GLY A 175 -9.69 -3.42 19.70
N GLY A 176 -9.94 -2.42 18.86
CA GLY A 176 -9.85 -2.63 17.42
C GLY A 176 -8.49 -2.31 16.82
N TYR A 177 -8.27 -2.80 15.60
CA TYR A 177 -7.08 -2.46 14.82
C TYR A 177 -7.47 -2.29 13.37
N HIS A 178 -7.02 -1.21 12.73
CA HIS A 178 -7.39 -0.95 11.36
C HIS A 178 -6.25 -0.51 10.46
N GLY A 179 -5.02 -0.63 10.96
CA GLY A 179 -3.88 -0.31 10.12
C GLY A 179 -3.06 0.83 10.68
N ASP A 180 -2.03 1.24 9.93
CA ASP A 180 -0.99 2.12 10.48
C ASP A 180 -0.90 3.48 9.81
N THR A 181 -1.65 3.72 8.75
CA THR A 181 -1.68 5.06 8.19
C THR A 181 -2.47 5.95 9.16
N PHE A 182 -2.36 7.28 9.06
CA PHE A 182 -2.82 8.12 10.16
C PHE A 182 -4.34 8.17 10.39
N LEU A 183 -5.14 8.01 9.35
CA LEU A 183 -6.59 7.90 9.56
CA LEU A 183 -6.58 7.90 9.57
C LEU A 183 -6.90 6.54 10.17
N ALA A 184 -6.28 5.49 9.64
CA ALA A 184 -6.49 4.15 10.18
C ALA A 184 -6.12 4.12 11.67
N MET A 185 -5.03 4.80 12.02
CA MET A 185 -4.59 4.85 13.41
C MET A 185 -5.69 5.43 14.32
N SER A 186 -6.45 6.40 13.79
CA SER A 186 -7.38 7.15 14.63
C SER A 186 -8.54 6.27 15.15
N ILE A 187 -8.78 5.13 14.52
CA ILE A 187 -9.84 4.23 15.00
C ILE A 187 -9.28 2.94 15.62
N CYS A 188 -7.96 2.85 15.74
CA CYS A 188 -7.36 1.75 16.48
C CYS A 188 -7.59 1.97 17.97
N ASP A 189 -7.55 0.89 18.74
CA ASP A 189 -7.70 1.00 20.19
C ASP A 189 -6.73 2.03 20.75
N PRO A 190 -7.24 3.03 21.48
CA PRO A 190 -6.33 4.08 21.97
C PRO A 190 -5.21 3.54 22.87
N HIS A 191 -5.48 2.52 23.67
CA HIS A 191 -4.45 1.97 24.54
C HIS A 191 -3.48 1.10 23.77
N GLY A 192 -3.98 0.08 23.09
CA GLY A 192 -3.11 -0.82 22.35
C GLY A 192 -2.38 -0.14 21.20
N GLY A 193 -2.96 0.95 20.70
CA GLY A 193 -2.40 1.68 19.58
C GLY A 193 -1.51 2.83 20.01
N MET A 194 -1.32 2.96 21.32
CA MET A 194 -0.40 3.94 21.89
C MET A 194 -0.73 5.36 21.48
N HIS A 195 -2.00 5.73 21.59
CA HIS A 195 -2.42 7.05 21.14
C HIS A 195 -1.86 8.13 22.04
N SER A 196 -1.37 7.73 23.21
CA SER A 196 -0.70 8.65 24.12
C SER A 196 0.53 9.30 23.48
N LEU A 197 1.09 8.62 22.48
CA LEU A 197 2.26 9.15 21.78
C LEU A 197 1.88 10.09 20.65
N TRP A 198 0.60 10.14 20.32
CA TRP A 198 0.14 10.87 19.16
C TRP A 198 -0.79 12.02 19.54
N THR A 199 -0.62 12.54 20.75
N THR A 199 -0.62 12.54 20.75
CA THR A 199 -1.44 13.65 21.21
CA THR A 199 -1.44 13.65 21.22
C THR A 199 -1.37 14.83 20.25
C THR A 199 -1.37 14.83 20.25
N ASP A 200 -2.54 15.38 19.92
CA ASP A 200 -2.69 16.50 18.99
C ASP A 200 -2.40 16.16 17.53
N VAL A 201 -2.17 14.88 17.24
CA VAL A 201 -1.87 14.47 15.87
C VAL A 201 -3.02 13.75 15.17
N LEU A 202 -3.71 12.87 15.89
CA LEU A 202 -4.73 12.03 15.26
C LEU A 202 -6.08 12.69 15.28
N ALA A 203 -6.90 12.37 14.28
CA ALA A 203 -8.32 12.73 14.32
C ALA A 203 -8.96 12.17 15.57
N ALA A 204 -9.82 12.98 16.18
CA ALA A 204 -10.51 12.56 17.40
C ALA A 204 -11.81 11.84 17.07
N GLN A 205 -11.83 10.52 17.26
CA GLN A 205 -12.99 9.74 16.88
C GLN A 205 -13.81 9.36 18.10
N VAL A 206 -14.96 8.73 17.86
CA VAL A 206 -15.86 8.33 18.93
C VAL A 206 -15.65 6.86 19.29
N PHE A 207 -15.33 6.58 20.55
CA PHE A 207 -15.12 5.21 21.01
C PHE A 207 -16.15 4.74 22.02
N ALA A 208 -16.82 3.65 21.69
CA ALA A 208 -17.63 2.90 22.63
C ALA A 208 -16.72 1.97 23.41
N PRO A 209 -17.18 1.49 24.57
CA PRO A 209 -16.35 0.54 25.34
C PRO A 209 -16.05 -0.74 24.58
N GLN A 210 -15.08 -1.49 25.07
CA GLN A 210 -14.78 -2.82 24.55
C GLN A 210 -16.03 -3.66 24.37
N VAL A 211 -16.21 -4.21 23.17
CA VAL A 211 -17.35 -5.10 22.95
C VAL A 211 -17.09 -6.41 23.68
N PRO A 212 -18.05 -6.86 24.50
CA PRO A 212 -17.87 -8.08 25.30
C PRO A 212 -17.93 -9.35 24.46
N ARG A 213 -17.40 -10.44 25.01
CA ARG A 213 -17.52 -11.75 24.36
C ARG A 213 -18.98 -12.21 24.26
N ASP A 214 -19.67 -12.26 25.40
CA ASP A 214 -21.04 -12.76 25.42
C ASP A 214 -22.02 -11.65 25.08
N TYR A 215 -23.16 -12.03 24.52
CA TYR A 215 -24.14 -11.03 24.12
C TYR A 215 -24.87 -10.43 25.31
N ASP A 216 -24.90 -9.11 25.35
CA ASP A 216 -25.56 -8.37 26.42
C ASP A 216 -26.30 -7.20 25.81
N PRO A 217 -27.64 -7.25 25.81
CA PRO A 217 -28.47 -6.19 25.24
C PRO A 217 -28.13 -4.81 25.77
N ALA A 218 -27.67 -4.73 27.01
CA ALA A 218 -27.34 -3.43 27.62
C ALA A 218 -26.15 -2.78 26.91
N TYR A 219 -25.24 -3.59 26.38
CA TYR A 219 -24.11 -3.02 25.65
C TYR A 219 -24.59 -2.35 24.38
N SER A 220 -25.47 -3.02 23.63
CA SER A 220 -25.97 -2.46 22.38
C SER A 220 -26.81 -1.21 22.64
N ALA A 221 -27.59 -1.25 23.70
CA ALA A 221 -28.39 -0.09 24.09
C ALA A 221 -27.50 1.12 24.39
N ALA A 222 -26.38 0.88 25.07
CA ALA A 222 -25.45 1.96 25.40
C ALA A 222 -24.72 2.44 24.15
N PHE A 223 -24.38 1.51 23.26
CA PHE A 223 -23.78 1.88 21.97
C PHE A 223 -24.71 2.83 21.22
N GLU A 224 -26.00 2.48 21.16
CA GLU A 224 -26.97 3.33 20.48
C GLU A 224 -27.11 4.70 21.15
N ALA A 225 -27.16 4.72 22.47
CA ALA A 225 -27.28 5.99 23.21
C ALA A 225 -26.09 6.90 22.92
N GLN A 226 -24.91 6.31 22.82
CA GLN A 226 -23.72 7.09 22.51
C GLN A 226 -23.75 7.57 21.06
N LEU A 227 -24.04 6.68 20.12
CA LEU A 227 -24.13 7.05 18.70
C LEU A 227 -25.20 8.15 18.47
N ALA A 228 -26.31 8.05 19.19
CA ALA A 228 -27.38 9.03 19.09
C ALA A 228 -26.89 10.46 19.30
N GLN A 229 -26.01 10.64 20.27
CA GLN A 229 -25.48 11.96 20.61
C GLN A 229 -24.57 12.53 19.52
N HIS A 230 -24.06 11.67 18.66
CA HIS A 230 -23.08 12.08 17.65
C HIS A 230 -23.53 11.88 16.21
N ALA A 231 -24.77 11.42 16.00
CA ALA A 231 -25.16 10.96 14.67
C ALA A 231 -24.97 12.02 13.59
N GLY A 232 -25.24 13.28 13.92
CA GLY A 232 -25.08 14.37 12.97
C GLY A 232 -23.66 14.68 12.53
N GLU A 233 -22.69 14.16 13.27
CA GLU A 233 -21.30 14.35 12.88
C GLU A 233 -20.63 13.05 12.47
N LEU A 234 -21.37 11.95 12.46
CA LEU A 234 -20.77 10.64 12.15
C LEU A 234 -21.01 10.20 10.70
N ALA A 235 -19.92 9.94 9.98
CA ALA A 235 -20.00 9.40 8.64
C ALA A 235 -20.27 7.90 8.69
N ALA A 236 -19.62 7.23 9.64
CA ALA A 236 -19.63 5.76 9.66
C ALA A 236 -19.26 5.17 11.02
N VAL A 237 -19.77 3.97 11.25
CA VAL A 237 -19.26 3.05 12.27
C VAL A 237 -18.30 2.10 11.54
N VAL A 238 -17.09 1.94 12.07
CA VAL A 238 -16.11 1.02 11.51
C VAL A 238 -15.72 -0.02 12.56
N VAL A 239 -15.91 -1.31 12.27
CA VAL A 239 -15.52 -2.36 13.21
C VAL A 239 -14.92 -3.55 12.48
N GLU A 240 -14.15 -4.36 13.21
CA GLU A 240 -13.82 -5.72 12.77
C GLU A 240 -14.94 -6.64 13.20
N PRO A 241 -15.56 -7.36 12.24
CA PRO A 241 -16.66 -8.24 12.67
C PRO A 241 -16.21 -9.57 13.29
N VAL A 242 -16.80 -9.89 14.45
CA VAL A 242 -16.67 -11.14 15.20
C VAL A 242 -15.30 -11.35 15.86
N VAL A 243 -14.22 -11.15 15.09
CA VAL A 243 -12.88 -11.28 15.62
C VAL A 243 -12.10 -9.98 15.50
N GLN A 244 -11.61 -9.48 16.64
CA GLN A 244 -10.67 -8.38 16.67
C GLN A 244 -9.27 -8.97 16.73
N GLY A 245 -8.45 -8.65 15.74
CA GLY A 245 -7.13 -9.26 15.63
C GLY A 245 -5.99 -8.63 16.43
N ALA A 246 -5.30 -7.68 15.82
CA ALA A 246 -4.08 -7.16 16.44
C ALA A 246 -4.31 -6.45 17.77
N GLY A 247 -5.53 -5.98 18.01
CA GLY A 247 -5.85 -5.30 19.24
C GLY A 247 -6.10 -6.23 20.42
N GLY A 248 -6.04 -7.53 20.21
CA GLY A 248 -6.18 -8.46 21.33
C GLY A 248 -6.76 -9.84 21.09
N MET A 249 -6.93 -10.22 19.82
CA MET A 249 -7.46 -11.55 19.48
C MET A 249 -8.70 -11.89 20.31
N ARG A 250 -9.61 -10.92 20.39
CA ARG A 250 -10.86 -11.07 21.11
C ARG A 250 -11.98 -11.48 20.17
N PHE A 251 -12.91 -12.31 20.65
CA PHE A 251 -14.06 -12.71 19.87
C PHE A 251 -15.31 -12.10 20.50
N HIS A 252 -16.29 -11.72 19.69
CA HIS A 252 -17.56 -11.26 20.26
C HIS A 252 -18.74 -11.92 19.56
N ASP A 253 -19.88 -11.97 20.25
CA ASP A 253 -21.08 -12.59 19.71
C ASP A 253 -21.54 -11.90 18.42
N PRO A 254 -21.79 -12.67 17.37
CA PRO A 254 -22.22 -12.06 16.10
C PRO A 254 -23.52 -11.24 16.20
N ARG A 255 -24.35 -11.47 17.22
CA ARG A 255 -25.57 -10.70 17.38
C ARG A 255 -25.30 -9.20 17.50
N TYR A 256 -24.13 -8.84 18.02
CA TYR A 256 -23.75 -7.43 18.08
C TYR A 256 -23.71 -6.77 16.70
N LEU A 257 -23.36 -7.53 15.67
CA LEU A 257 -23.30 -6.99 14.31
C LEU A 257 -24.69 -6.73 13.75
N HIS A 258 -25.64 -7.58 14.12
CA HIS A 258 -27.04 -7.36 13.81
C HIS A 258 -27.54 -6.06 14.44
N ASP A 259 -27.20 -5.83 15.72
CA ASP A 259 -27.55 -4.59 16.38
C ASP A 259 -26.90 -3.36 15.73
N LEU A 260 -25.61 -3.43 15.39
CA LEU A 260 -24.95 -2.33 14.68
C LEU A 260 -25.65 -2.00 13.37
N ARG A 261 -25.99 -3.03 12.59
CA ARG A 261 -26.67 -2.81 11.32
C ARG A 261 -28.01 -2.06 11.56
N ASP A 262 -28.74 -2.45 12.60
CA ASP A 262 -30.02 -1.82 12.90
C ASP A 262 -29.83 -0.37 13.34
N ILE A 263 -28.88 -0.15 14.26
CA ILE A 263 -28.59 1.19 14.74
C ILE A 263 -28.16 2.08 13.59
N CYS A 264 -27.26 1.58 12.75
CA CYS A 264 -26.76 2.39 11.65
C CYS A 264 -27.88 2.75 10.67
N ARG A 265 -28.76 1.80 10.39
CA ARG A 265 -29.89 2.04 9.50
C ARG A 265 -30.79 3.15 10.05
N ARG A 266 -31.15 3.04 11.32
CA ARG A 266 -32.09 3.99 11.89
C ARG A 266 -31.51 5.39 12.07
N TYR A 267 -30.22 5.50 12.34
CA TYR A 267 -29.62 6.82 12.56
C TYR A 267 -28.91 7.39 11.33
N GLU A 268 -28.98 6.68 10.22
CA GLU A 268 -28.39 7.13 8.95
C GLU A 268 -26.89 7.39 9.14
N VAL A 269 -26.21 6.32 9.55
CA VAL A 269 -24.76 6.29 9.67
C VAL A 269 -24.31 5.07 8.87
N LEU A 270 -23.30 5.20 8.03
CA LEU A 270 -22.87 4.05 7.23
C LEU A 270 -22.19 3.02 8.12
N LEU A 271 -22.29 1.74 7.74
CA LEU A 271 -21.62 0.66 8.46
C LEU A 271 -20.48 0.11 7.61
N ILE A 272 -19.26 0.12 8.17
CA ILE A 272 -18.07 -0.37 7.48
C ILE A 272 -17.51 -1.56 8.23
N PHE A 273 -17.35 -2.69 7.54
CA PHE A 273 -16.68 -3.84 8.12
C PHE A 273 -15.27 -3.98 7.59
N ASP A 274 -14.32 -4.04 8.52
CA ASP A 274 -12.93 -4.28 8.19
C ASP A 274 -12.68 -5.79 8.30
N GLU A 275 -12.71 -6.47 7.16
CA GLU A 275 -12.50 -7.92 7.12
C GLU A 275 -11.11 -8.26 6.62
N ILE A 276 -10.16 -7.35 6.84
CA ILE A 276 -8.83 -7.56 6.31
C ILE A 276 -8.15 -8.77 6.96
N ALA A 277 -8.44 -9.05 8.24
CA ALA A 277 -7.93 -10.26 8.89
C ALA A 277 -8.94 -11.43 8.85
N THR A 278 -10.23 -11.13 8.85
CA THR A 278 -11.26 -12.18 9.02
C THR A 278 -11.69 -12.85 7.71
N GLY A 279 -11.35 -12.25 6.59
CA GLY A 279 -11.86 -12.71 5.30
C GLY A 279 -11.42 -14.09 4.85
N PHE A 280 -12.17 -14.63 3.89
CA PHE A 280 -11.79 -15.84 3.16
C PHE A 280 -11.67 -17.07 4.07
N GLY A 281 -12.68 -17.24 4.92
CA GLY A 281 -12.87 -18.48 5.64
C GLY A 281 -12.29 -18.54 7.03
N ARG A 282 -11.50 -17.53 7.41
CA ARG A 282 -10.63 -17.67 8.57
C ARG A 282 -11.40 -17.91 9.89
N THR A 283 -12.60 -17.33 10.02
CA THR A 283 -13.37 -17.47 11.25
C THR A 283 -14.42 -18.58 11.17
N GLY A 284 -14.38 -19.34 10.10
CA GLY A 284 -15.32 -20.44 9.95
C GLY A 284 -16.48 -20.13 9.02
N ALA A 285 -16.65 -18.86 8.71
CA ALA A 285 -17.59 -18.43 7.67
C ALA A 285 -16.76 -17.81 6.56
N LEU A 286 -17.32 -17.67 5.36
CA LEU A 286 -16.52 -17.16 4.25
C LEU A 286 -16.05 -15.75 4.56
N PHE A 287 -16.98 -14.93 5.06
CA PHE A 287 -16.64 -13.65 5.66
C PHE A 287 -17.27 -13.61 7.04
N ALA A 288 -16.63 -12.93 7.99
CA ALA A 288 -17.12 -12.98 9.36
C ALA A 288 -18.51 -12.36 9.50
N ALA A 289 -18.84 -11.40 8.63
CA ALA A 289 -20.17 -10.81 8.62
C ALA A 289 -21.26 -11.88 8.41
N ASP A 290 -20.90 -12.96 7.72
CA ASP A 290 -21.86 -14.04 7.42
C ASP A 290 -22.34 -14.75 8.69
N HIS A 291 -21.58 -14.67 9.78
CA HIS A 291 -22.01 -15.25 11.06
C HIS A 291 -23.25 -14.56 11.60
N ALA A 292 -23.51 -13.35 11.11
CA ALA A 292 -24.65 -12.56 11.52
C ALA A 292 -25.64 -12.30 10.39
N GLY A 293 -25.32 -12.76 9.17
CA GLY A 293 -26.13 -12.45 8.01
C GLY A 293 -26.21 -10.97 7.64
N VAL A 294 -25.22 -10.20 8.08
CA VAL A 294 -25.25 -8.74 7.94
C VAL A 294 -24.46 -8.25 6.73
N SER A 295 -25.03 -7.29 6.00
CA SER A 295 -24.31 -6.60 4.93
C SER A 295 -23.93 -5.20 5.39
N PRO A 296 -22.63 -4.89 5.38
CA PRO A 296 -22.22 -3.52 5.63
C PRO A 296 -22.42 -2.68 4.37
N ASP A 297 -22.34 -1.36 4.49
CA ASP A 297 -22.38 -0.51 3.30
C ASP A 297 -21.05 -0.51 2.57
N ILE A 298 -19.98 -0.73 3.33
CA ILE A 298 -18.61 -0.70 2.81
C ILE A 298 -17.83 -1.81 3.49
N MET A 299 -16.96 -2.48 2.77
CA MET A 299 -16.20 -3.61 3.32
C MET A 299 -14.76 -3.58 2.82
N CYS A 300 -13.83 -3.87 3.71
CA CYS A 300 -12.41 -3.99 3.35
C CYS A 300 -11.91 -5.42 3.44
N VAL A 301 -11.13 -5.87 2.46
CA VAL A 301 -10.43 -7.17 2.53
C VAL A 301 -8.96 -7.02 2.14
N GLY A 302 -8.12 -7.97 2.54
CA GLY A 302 -6.72 -7.86 2.18
C GLY A 302 -5.74 -8.98 2.49
N LYS A 303 -5.58 -9.35 3.74
CA LYS A 303 -4.38 -10.14 4.10
C LYS A 303 -4.27 -11.45 3.33
N ALA A 304 -5.38 -12.17 3.20
CA ALA A 304 -5.39 -13.49 2.54
C ALA A 304 -5.88 -13.42 1.10
N LEU A 305 -6.10 -12.22 0.59
CA LEU A 305 -6.69 -12.03 -0.74
C LEU A 305 -5.89 -12.72 -1.85
N THR A 306 -4.56 -12.63 -1.79
CA THR A 306 -3.72 -13.29 -2.79
C THR A 306 -3.18 -14.63 -2.34
N GLY A 307 -3.72 -15.18 -1.26
CA GLY A 307 -3.15 -16.42 -0.73
C GLY A 307 -1.76 -16.22 -0.18
N GLY A 308 -1.41 -14.98 0.12
CA GLY A 308 -0.15 -14.70 0.76
C GLY A 308 1.04 -14.60 -0.17
N TYR A 309 0.78 -14.36 -1.45
CA TYR A 309 1.86 -14.18 -2.41
C TYR A 309 2.29 -12.72 -2.54
N LEU A 310 1.32 -11.82 -2.62
CA LEU A 310 1.57 -10.45 -3.04
C LEU A 310 0.65 -9.49 -2.31
N SER A 311 1.12 -8.27 -2.08
CA SER A 311 0.30 -7.22 -1.49
CA SER A 311 0.28 -7.27 -1.46
C SER A 311 -0.86 -6.88 -2.41
N LEU A 312 -2.08 -6.89 -1.87
CA LEU A 312 -3.30 -6.51 -2.58
C LEU A 312 -4.38 -6.32 -1.55
N ALA A 313 -5.25 -5.34 -1.75
CA ALA A 313 -6.41 -5.18 -0.90
C ALA A 313 -7.57 -4.67 -1.73
N ALA A 314 -8.78 -4.70 -1.18
CA ALA A 314 -9.94 -4.20 -1.91
C ALA A 314 -10.90 -3.55 -0.94
N THR A 315 -11.58 -2.52 -1.42
CA THR A 315 -12.66 -1.89 -0.68
C THR A 315 -13.90 -2.00 -1.55
N LEU A 316 -14.95 -2.62 -1.02
CA LEU A 316 -16.19 -2.74 -1.77
C LEU A 316 -17.24 -1.82 -1.18
N CYS A 317 -18.12 -1.30 -2.03
CA CYS A 317 -19.27 -0.54 -1.50
C CYS A 317 -20.52 -0.77 -2.33
N THR A 318 -21.65 -0.38 -1.74
CA THR A 318 -22.94 -0.58 -2.40
C THR A 318 -23.08 0.30 -3.64
N ALA A 319 -24.02 -0.06 -4.50
CA ALA A 319 -24.32 0.79 -5.65
C ALA A 319 -24.79 2.17 -5.21
N ASP A 320 -25.58 2.22 -4.15
CA ASP A 320 -26.07 3.50 -3.65
C ASP A 320 -24.92 4.40 -3.22
N VAL A 321 -23.95 3.84 -2.53
CA VAL A 321 -22.79 4.64 -2.13
C VAL A 321 -22.03 5.10 -3.38
N ALA A 322 -21.83 4.19 -4.33
CA ALA A 322 -21.05 4.51 -5.53
C ALA A 322 -21.74 5.59 -6.36
N HIS A 323 -23.06 5.48 -6.49
CA HIS A 323 -23.79 6.44 -7.30
C HIS A 323 -23.83 7.82 -6.64
N THR A 324 -23.96 7.85 -5.32
CA THR A 324 -24.04 9.11 -4.61
C THR A 324 -22.71 9.85 -4.69
N ILE A 325 -21.61 9.12 -4.56
CA ILE A 325 -20.29 9.71 -4.76
C ILE A 325 -20.16 10.24 -6.19
N SER A 326 -20.60 9.43 -7.16
CA SER A 326 -20.38 9.76 -8.57
C SER A 326 -21.23 10.96 -9.01
N ALA A 327 -22.33 11.20 -8.30
CA ALA A 327 -23.19 12.33 -8.63
C ALA A 327 -22.81 13.58 -7.84
N GLY A 328 -21.87 13.42 -6.90
CA GLY A 328 -21.44 14.51 -6.04
C GLY A 328 -20.53 15.52 -6.72
N ALA A 329 -20.06 16.51 -5.96
CA ALA A 329 -19.31 17.63 -6.52
C ALA A 329 -18.05 17.19 -7.25
N ALA A 330 -17.35 16.19 -6.73
CA ALA A 330 -16.12 15.75 -7.36
C ALA A 330 -16.43 14.92 -8.59
N GLY A 331 -17.62 14.33 -8.63
CA GLY A 331 -18.03 13.46 -9.72
C GLY A 331 -17.26 12.16 -9.79
N ALA A 332 -16.46 11.91 -8.76
CA ALA A 332 -15.57 10.75 -8.74
C ALA A 332 -15.06 10.49 -7.32
N LEU A 333 -14.61 9.27 -7.07
CA LEU A 333 -13.91 8.94 -5.83
C LEU A 333 -12.46 9.39 -5.98
N MET A 334 -12.02 10.28 -5.09
CA MET A 334 -10.75 10.97 -5.31
CA MET A 334 -10.75 10.96 -5.30
C MET A 334 -9.57 10.16 -4.77
N HIS A 335 -9.29 9.05 -5.45
CA HIS A 335 -8.25 8.14 -5.00
C HIS A 335 -7.81 7.30 -6.19
N GLY A 336 -6.52 6.98 -6.27
CA GLY A 336 -6.03 6.23 -7.41
C GLY A 336 -4.59 5.80 -7.25
N PRO A 337 -4.37 4.63 -6.63
CA PRO A 337 -3.03 4.07 -6.40
C PRO A 337 -2.29 3.74 -7.68
N THR A 338 -0.97 3.98 -7.70
CA THR A 338 -0.15 3.68 -8.87
C THR A 338 -0.35 2.26 -9.38
N PHE A 339 -0.38 1.30 -8.47
CA PHE A 339 -0.48 -0.09 -8.92
C PHE A 339 -1.89 -0.64 -8.78
N MET A 340 -2.89 0.25 -8.82
CA MET A 340 -4.28 -0.15 -8.75
C MET A 340 -4.58 -1.32 -9.69
N ALA A 341 -5.18 -2.38 -9.14
CA ALA A 341 -5.61 -3.57 -9.88
C ALA A 341 -4.49 -4.25 -10.67
N ASN A 342 -3.29 -4.27 -10.08
CA ASN A 342 -2.13 -4.94 -10.66
C ASN A 342 -2.47 -6.33 -11.21
N PRO A 343 -2.26 -6.56 -12.51
CA PRO A 343 -2.59 -7.84 -13.14
C PRO A 343 -2.00 -9.07 -12.45
N LEU A 344 -0.75 -9.01 -12.02
CA LEU A 344 -0.12 -10.17 -11.38
C LEU A 344 -0.83 -10.50 -10.07
N ALA A 345 -1.00 -9.49 -9.22
CA ALA A 345 -1.65 -9.71 -7.94
C ALA A 345 -3.10 -10.15 -8.13
N CYS A 346 -3.80 -9.52 -9.06
CA CYS A 346 -5.18 -9.92 -9.34
C CYS A 346 -5.26 -11.36 -9.84
N ALA A 347 -4.32 -11.77 -10.69
CA ALA A 347 -4.37 -13.13 -11.23
C ALA A 347 -4.16 -14.19 -10.16
N VAL A 348 -3.22 -13.97 -9.24
CA VAL A 348 -2.99 -14.95 -8.21
CA VAL A 348 -2.98 -14.91 -8.18
C VAL A 348 -4.16 -14.94 -7.21
N SER A 349 -4.75 -13.77 -6.97
CA SER A 349 -5.96 -13.65 -6.17
CA SER A 349 -5.94 -13.67 -6.15
C SER A 349 -7.11 -14.47 -6.72
N VAL A 350 -7.35 -14.34 -8.01
CA VAL A 350 -8.41 -15.10 -8.68
C VAL A 350 -8.21 -16.59 -8.44
N ALA A 351 -6.97 -17.04 -8.62
CA ALA A 351 -6.65 -18.45 -8.41
C ALA A 351 -6.83 -18.86 -6.95
N SER A 352 -6.43 -18.00 -6.02
CA SER A 352 -6.56 -18.30 -4.59
C SER A 352 -8.03 -18.38 -4.16
N VAL A 353 -8.84 -17.42 -4.59
CA VAL A 353 -10.26 -17.44 -4.26
C VAL A 353 -10.95 -18.66 -4.91
N GLU A 354 -10.60 -18.96 -6.16
CA GLU A 354 -11.19 -20.12 -6.84
C GLU A 354 -10.77 -21.44 -6.18
N LEU A 355 -9.54 -21.50 -5.70
CA LEU A 355 -9.07 -22.67 -4.99
C LEU A 355 -9.82 -22.88 -3.68
N LEU A 356 -10.14 -21.78 -3.00
CA LEU A 356 -10.90 -21.85 -1.75
C LEU A 356 -12.33 -22.31 -2.02
N LEU A 357 -12.95 -21.72 -3.04
CA LEU A 357 -14.37 -22.00 -3.31
C LEU A 357 -14.57 -23.38 -3.92
N GLY A 358 -13.53 -23.90 -4.57
CA GLY A 358 -13.64 -25.17 -5.27
C GLY A 358 -13.45 -26.39 -4.40
N GLN A 359 -13.21 -26.17 -3.12
CA GLN A 359 -13.10 -27.26 -2.14
C GLN A 359 -14.16 -27.08 -1.06
N ASP A 360 -14.36 -28.09 -0.22
CA ASP A 360 -15.27 -27.95 0.91
C ASP A 360 -14.56 -27.21 2.04
N TRP A 361 -14.39 -25.90 1.88
CA TRP A 361 -13.63 -25.12 2.84
C TRP A 361 -14.30 -25.10 4.22
N ARG A 362 -15.63 -25.15 4.27
CA ARG A 362 -16.30 -25.04 5.55
C ARG A 362 -16.01 -26.25 6.43
N THR A 363 -16.02 -27.44 5.84
CA THR A 363 -15.62 -28.64 6.57
C THR A 363 -14.14 -28.59 6.97
N ARG A 364 -13.29 -28.10 6.08
CA ARG A 364 -11.85 -27.99 6.37
C ARG A 364 -11.62 -27.11 7.59
N ILE A 365 -12.24 -25.93 7.63
CA ILE A 365 -12.07 -25.02 8.75
C ILE A 365 -12.68 -25.61 10.02
N THR A 366 -13.81 -26.29 9.88
CA THR A 366 -14.45 -26.90 11.05
C THR A 366 -13.51 -27.94 11.68
N GLU A 367 -12.85 -28.72 10.84
CA GLU A 367 -11.89 -29.72 11.33
C GLU A 367 -10.67 -29.06 11.99
N LEU A 368 -10.19 -27.98 11.38
CA LEU A 368 -9.09 -27.23 11.96
CA LEU A 368 -9.10 -27.21 11.93
C LEU A 368 -9.45 -26.69 13.33
N ALA A 369 -10.63 -26.08 13.43
CA ALA A 369 -11.11 -25.54 14.69
C ALA A 369 -11.22 -26.64 15.75
N ALA A 370 -11.73 -27.80 15.35
CA ALA A 370 -11.85 -28.88 16.31
C ALA A 370 -10.48 -29.35 16.79
N GLY A 371 -9.49 -29.34 15.89
CA GLY A 371 -8.13 -29.72 16.24
C GLY A 371 -7.52 -28.73 17.20
N LEU A 372 -7.77 -27.45 16.96
CA LEU A 372 -7.25 -26.42 17.84
C LEU A 372 -7.87 -26.54 19.24
N THR A 373 -9.18 -26.73 19.27
CA THR A 373 -9.91 -26.84 20.53
C THR A 373 -9.41 -28.03 21.34
N ALA A 374 -9.27 -29.16 20.67
CA ALA A 374 -8.82 -30.37 21.35
C ALA A 374 -7.39 -30.24 21.85
N GLY A 375 -6.53 -29.65 21.03
CA GLY A 375 -5.12 -29.54 21.37
C GLY A 375 -4.78 -28.50 22.42
N LEU A 376 -5.64 -27.49 22.55
CA LEU A 376 -5.42 -26.40 23.50
C LEU A 376 -6.10 -26.59 24.84
N ASP A 377 -6.93 -27.62 24.94
CA ASP A 377 -7.73 -27.80 26.15
C ASP A 377 -6.87 -27.92 27.41
N THR A 378 -5.74 -28.62 27.31
CA THR A 378 -4.88 -28.84 28.46
CA THR A 378 -4.88 -28.84 28.46
C THR A 378 -4.29 -27.53 29.00
N ALA A 379 -4.25 -26.50 28.16
CA ALA A 379 -3.66 -25.24 28.61
C ALA A 379 -4.49 -24.56 29.69
N ARG A 380 -5.79 -24.88 29.74
CA ARG A 380 -6.68 -24.18 30.66
C ARG A 380 -6.26 -24.40 32.12
N ALA A 381 -5.56 -25.50 32.38
CA ALA A 381 -5.15 -25.88 33.73
C ALA A 381 -3.78 -25.35 34.13
N LEU A 382 -3.08 -24.71 33.21
CA LEU A 382 -1.77 -24.13 33.51
C LEU A 382 -1.90 -22.90 34.39
N PRO A 383 -0.95 -22.71 35.31
CA PRO A 383 -1.05 -21.64 36.31
C PRO A 383 -1.03 -20.22 35.73
N ALA A 384 -0.40 -20.02 34.58
CA ALA A 384 -0.31 -18.67 34.02
C ALA A 384 -1.32 -18.43 32.91
N VAL A 385 -2.28 -19.33 32.76
CA VAL A 385 -3.26 -19.20 31.68
C VAL A 385 -4.60 -18.70 32.20
N THR A 386 -5.08 -17.60 31.63
CA THR A 386 -6.36 -17.02 32.04
C THR A 386 -7.54 -17.41 31.14
N ASP A 387 -7.28 -17.63 29.86
CA ASP A 387 -8.35 -18.05 28.95
C ASP A 387 -7.76 -18.85 27.78
N VAL A 388 -8.58 -19.76 27.25
CA VAL A 388 -8.29 -20.44 26.00
C VAL A 388 -9.52 -20.27 25.12
N ARG A 389 -9.32 -19.82 23.88
CA ARG A 389 -10.46 -19.61 23.00
C ARG A 389 -10.12 -19.92 21.55
N VAL A 390 -11.11 -20.44 20.84
CA VAL A 390 -10.98 -20.80 19.44
C VAL A 390 -12.15 -20.28 18.62
N CYS A 391 -11.85 -19.75 17.43
CA CYS A 391 -12.89 -19.34 16.50
C CYS A 391 -12.43 -19.65 15.07
N GLY A 392 -13.02 -20.66 14.46
CA GLY A 392 -12.54 -21.09 13.16
C GLY A 392 -11.08 -21.50 13.24
N ALA A 393 -10.29 -21.08 12.26
CA ALA A 393 -8.87 -21.47 12.25
C ALA A 393 -8.03 -20.43 13.01
N ILE A 394 -8.44 -20.16 14.24
CA ILE A 394 -7.78 -19.22 15.15
C ILE A 394 -7.79 -19.80 16.53
N GLY A 395 -6.62 -19.97 17.14
CA GLY A 395 -6.57 -20.49 18.50
C GLY A 395 -5.74 -19.58 19.39
N VAL A 396 -6.23 -19.29 20.58
CA VAL A 396 -5.58 -18.33 21.47
C VAL A 396 -5.45 -18.85 22.90
N ILE A 397 -4.24 -18.79 23.43
CA ILE A 397 -4.02 -18.91 24.87
C ILE A 397 -3.72 -17.53 25.44
N GLU A 398 -4.61 -17.05 26.30
CA GLU A 398 -4.40 -15.77 26.95
C GLU A 398 -3.73 -15.99 28.30
N CYS A 399 -2.53 -15.42 28.49
CA CYS A 399 -1.75 -15.61 29.70
C CYS A 399 -1.94 -14.48 30.71
N ASP A 400 -1.44 -14.67 31.93
CA ASP A 400 -1.64 -13.68 32.98
C ASP A 400 -0.49 -12.68 33.07
N ARG A 401 0.43 -12.74 32.12
CA ARG A 401 1.58 -11.85 32.08
C ARG A 401 2.06 -11.73 30.64
N PRO A 402 2.75 -10.63 30.30
CA PRO A 402 3.36 -10.51 28.97
C PRO A 402 4.31 -11.67 28.69
N VAL A 403 4.26 -12.16 27.45
CA VAL A 403 5.10 -13.28 27.05
C VAL A 403 6.46 -12.78 26.56
N ASP A 404 7.53 -13.31 27.14
CA ASP A 404 8.88 -12.97 26.74
C ASP A 404 9.24 -13.69 25.44
N LEU A 405 9.39 -12.95 24.35
CA LEU A 405 9.70 -13.54 23.05
C LEU A 405 11.06 -14.23 23.03
N ALA A 406 11.97 -13.73 23.85
CA ALA A 406 13.32 -14.29 23.88
C ALA A 406 13.29 -15.73 24.38
N VAL A 407 12.27 -16.06 25.16
CA VAL A 407 12.05 -17.43 25.64
C VAL A 407 11.09 -18.17 24.71
N ALA A 408 9.98 -17.52 24.38
CA ALA A 408 8.92 -18.21 23.65
C ALA A 408 9.31 -18.61 22.22
N THR A 409 9.96 -17.72 21.48
CA THR A 409 10.24 -18.03 20.09
C THR A 409 11.19 -19.24 19.93
N PRO A 410 12.32 -19.27 20.67
CA PRO A 410 13.14 -20.48 20.53
C PRO A 410 12.49 -21.73 21.11
N ALA A 411 11.68 -21.59 22.15
CA ALA A 411 10.99 -22.74 22.73
C ALA A 411 10.07 -23.38 21.70
N ALA A 412 9.39 -22.55 20.91
CA ALA A 412 8.52 -23.09 19.88
C ALA A 412 9.34 -23.69 18.75
N LEU A 413 10.43 -23.03 18.37
CA LEU A 413 11.30 -23.53 17.31
C LEU A 413 11.86 -24.90 17.70
N ASP A 414 12.16 -25.07 18.98
CA ASP A 414 12.62 -26.35 19.52
C ASP A 414 11.58 -27.46 19.36
N ARG A 415 10.31 -27.06 19.22
N ARG A 415 10.31 -27.07 19.23
CA ARG A 415 9.21 -28.00 19.05
CA ARG A 415 9.23 -28.04 19.04
C ARG A 415 8.73 -28.02 17.58
C ARG A 415 8.76 -28.06 17.58
N GLY A 416 9.56 -27.48 16.69
CA GLY A 416 9.28 -27.51 15.26
C GLY A 416 8.19 -26.57 14.77
N VAL A 417 8.01 -25.45 15.47
CA VAL A 417 6.90 -24.56 15.14
C VAL A 417 7.35 -23.10 15.20
N TRP A 418 6.95 -22.33 14.19
CA TRP A 418 7.14 -20.88 14.19
C TRP A 418 5.93 -20.21 14.84
N LEU A 419 6.13 -19.64 16.02
CA LEU A 419 5.09 -18.94 16.77
C LEU A 419 5.62 -17.59 17.16
N ARG A 420 4.79 -16.57 17.07
CA ARG A 420 5.19 -15.24 17.54
CA ARG A 420 5.19 -15.25 17.55
C ARG A 420 4.10 -14.67 18.45
N PRO A 421 4.31 -14.78 19.77
CA PRO A 421 3.34 -14.21 20.70
C PRO A 421 3.30 -12.69 20.60
N PHE A 422 2.23 -12.12 21.12
CA PHE A 422 2.11 -10.66 21.22
C PHE A 422 1.46 -10.35 22.55
N ARG A 423 2.01 -9.37 23.27
CA ARG A 423 1.57 -9.05 24.62
C ARG A 423 1.49 -10.34 25.45
N ASN A 424 0.31 -10.61 26.01
CA ASN A 424 0.11 -11.78 26.86
C ASN A 424 -0.52 -12.96 26.11
N LEU A 425 -0.46 -12.92 24.78
CA LEU A 425 -1.16 -13.91 23.95
C LEU A 425 -0.23 -14.87 23.24
N VAL A 426 -0.51 -16.16 23.37
CA VAL A 426 0.15 -17.19 22.58
C VAL A 426 -0.92 -17.71 21.62
N TYR A 427 -0.75 -17.47 20.34
CA TYR A 427 -1.85 -17.75 19.41
C TYR A 427 -1.39 -18.26 18.06
N ALA A 428 -2.31 -18.86 17.31
CA ALA A 428 -1.99 -19.34 15.99
C ALA A 428 -3.17 -19.14 15.05
N MET A 429 -2.85 -18.95 13.77
CA MET A 429 -3.85 -18.89 12.71
C MET A 429 -3.25 -19.68 11.56
N PRO A 430 -3.34 -21.00 11.66
CA PRO A 430 -2.57 -21.86 10.76
C PRO A 430 -3.11 -21.96 9.33
N PRO A 431 -2.25 -22.35 8.37
CA PRO A 431 -2.70 -22.58 6.99
C PRO A 431 -3.81 -23.61 6.95
N TYR A 432 -4.73 -23.43 5.99
CA TYR A 432 -5.88 -24.32 5.91
C TYR A 432 -5.46 -25.72 5.51
N ILE A 433 -4.29 -25.83 4.91
CA ILE A 433 -3.79 -27.12 4.42
C ILE A 433 -3.07 -27.95 5.49
N CYS A 434 -3.01 -27.46 6.72
CA CYS A 434 -2.39 -28.25 7.80
C CYS A 434 -3.15 -29.55 8.06
N THR A 435 -2.41 -30.64 8.14
CA THR A 435 -3.01 -31.92 8.51
C THR A 435 -3.42 -31.91 9.99
N PRO A 436 -4.30 -32.85 10.39
CA PRO A 436 -4.59 -32.95 11.82
C PRO A 436 -3.34 -33.15 12.68
N ALA A 437 -2.36 -33.92 12.21
CA ALA A 437 -1.14 -34.12 12.98
C ALA A 437 -0.36 -32.81 13.13
N GLU A 438 -0.34 -32.01 12.07
CA GLU A 438 0.36 -30.72 12.09
C GLU A 438 -0.33 -29.73 13.04
N ILE A 439 -1.64 -29.76 13.07
CA ILE A 439 -2.39 -28.89 13.97
C ILE A 439 -2.06 -29.26 15.41
N THR A 440 -1.96 -30.56 15.67
CA THR A 440 -1.66 -30.96 17.04
C THR A 440 -0.21 -30.63 17.42
N GLN A 441 0.71 -30.67 16.45
N GLN A 441 0.71 -30.68 16.45
CA GLN A 441 2.09 -30.25 16.71
CA GLN A 441 2.08 -30.24 16.67
C GLN A 441 2.14 -28.75 17.05
C GLN A 441 2.09 -28.77 17.07
N ILE A 442 1.34 -27.96 16.34
CA ILE A 442 1.23 -26.53 16.65
C ILE A 442 0.66 -26.29 18.05
N THR A 443 -0.46 -26.92 18.36
CA THR A 443 -1.06 -26.73 19.68
C THR A 443 -0.14 -27.24 20.79
N SER A 444 0.59 -28.31 20.54
CA SER A 444 1.52 -28.81 21.56
CA SER A 444 1.54 -28.82 21.54
C SER A 444 2.62 -27.79 21.85
N ALA A 445 3.11 -27.12 20.81
CA ALA A 445 4.14 -26.09 21.01
C ALA A 445 3.56 -24.89 21.77
N MET A 446 2.32 -24.53 21.45
CA MET A 446 1.66 -23.43 22.16
C MET A 446 1.51 -23.73 23.64
N VAL A 447 1.10 -24.96 23.97
CA VAL A 447 0.94 -25.36 25.37
C VAL A 447 2.29 -25.30 26.09
N GLU A 448 3.35 -25.77 25.43
CA GLU A 448 4.68 -25.76 26.03
C GLU A 448 5.19 -24.33 26.25
N VAL A 449 4.90 -23.42 25.32
CA VAL A 449 5.24 -22.01 25.52
C VAL A 449 4.48 -21.46 26.73
N ALA A 450 3.18 -21.72 26.83
CA ALA A 450 2.40 -21.26 27.96
C ALA A 450 2.91 -21.85 29.28
N ARG A 451 3.34 -23.10 29.24
CA ARG A 451 3.87 -23.73 30.45
C ARG A 451 5.14 -23.03 30.91
N LEU A 452 5.98 -22.65 29.95
CA LEU A 452 7.20 -21.90 30.25
C LEU A 452 6.93 -20.49 30.77
N VAL A 453 5.91 -19.84 30.24
CA VAL A 453 5.52 -18.51 30.72
C VAL A 453 5.27 -18.55 32.22
N GLY A 454 4.64 -19.63 32.68
CA GLY A 454 4.35 -19.80 34.09
C GLY A 454 5.54 -20.26 34.92
N SER A 455 6.73 -20.33 34.31
CA SER A 455 7.93 -20.81 34.99
C SER A 455 8.94 -19.70 35.32
N LEU A 456 8.75 -18.54 34.70
CA LEU A 456 9.69 -17.39 34.74
C LEU A 456 11.07 -17.67 35.32
N LEU B 28 -12.95 -14.37 -19.96
CA LEU B 28 -13.82 -13.28 -20.38
C LEU B 28 -13.36 -12.70 -21.70
N THR B 29 -14.28 -12.51 -22.63
CA THR B 29 -14.03 -11.78 -23.86
C THR B 29 -13.86 -10.31 -23.56
N PRO B 30 -13.23 -9.55 -24.48
CA PRO B 30 -13.19 -8.09 -24.26
C PRO B 30 -14.56 -7.45 -24.01
N GLU B 31 -15.59 -7.84 -24.73
CA GLU B 31 -16.94 -7.32 -24.48
C GLU B 31 -17.41 -7.61 -23.06
N GLN B 32 -17.13 -8.82 -22.59
CA GLN B 32 -17.51 -9.25 -21.25
C GLN B 32 -16.74 -8.48 -20.17
N ILE B 33 -15.46 -8.24 -20.45
CA ILE B 33 -14.60 -7.46 -19.55
C ILE B 33 -15.15 -6.04 -19.41
N ILE B 34 -15.53 -5.44 -20.52
CA ILE B 34 -16.12 -4.10 -20.49
C ILE B 34 -17.42 -4.09 -19.70
N ALA B 35 -18.26 -5.12 -19.86
CA ALA B 35 -19.51 -5.21 -19.14
C ALA B 35 -19.28 -5.31 -17.62
N VAL B 36 -18.37 -6.19 -17.22
CA VAL B 36 -18.06 -6.36 -15.79
C VAL B 36 -17.45 -5.08 -15.24
N ASP B 37 -16.51 -4.53 -15.99
CA ASP B 37 -15.82 -3.31 -15.59
C ASP B 37 -16.78 -2.14 -15.34
N GLY B 38 -17.71 -1.91 -16.27
CA GLY B 38 -18.63 -0.79 -16.15
C GLY B 38 -19.54 -0.91 -14.93
N ALA B 39 -19.90 -2.14 -14.59
CA ALA B 39 -20.79 -2.36 -13.46
C ALA B 39 -20.07 -2.37 -12.10
N HIS B 40 -18.84 -2.88 -12.07
CA HIS B 40 -18.25 -3.24 -10.79
C HIS B 40 -16.87 -2.63 -10.46
N LEU B 41 -16.18 -2.02 -11.43
CA LEU B 41 -14.81 -1.59 -11.15
C LEU B 41 -14.62 -0.08 -11.06
N TRP B 42 -14.11 0.37 -9.93
CA TRP B 42 -13.58 1.72 -9.83
C TRP B 42 -12.23 1.81 -10.53
N HIS B 43 -11.95 2.97 -11.10
CA HIS B 43 -10.66 3.28 -11.71
C HIS B 43 -10.05 4.49 -11.00
N PRO B 44 -8.79 4.84 -11.31
CA PRO B 44 -8.22 5.97 -10.57
C PRO B 44 -9.01 7.27 -10.79
N TYR B 45 -9.45 7.89 -9.70
CA TYR B 45 -10.17 9.17 -9.75
C TYR B 45 -11.33 9.11 -10.72
N SER B 46 -12.09 8.01 -10.64
CA SER B 46 -13.18 7.76 -11.58
C SER B 46 -14.54 7.72 -10.90
N SER B 47 -15.59 7.63 -11.72
CA SER B 47 -16.93 7.40 -11.23
C SER B 47 -17.28 5.94 -11.37
N ILE B 48 -18.45 5.57 -10.86
CA ILE B 48 -19.13 4.36 -11.32
C ILE B 48 -20.35 4.82 -12.10
N GLY B 49 -20.47 4.38 -13.34
CA GLY B 49 -21.67 4.67 -14.12
C GLY B 49 -21.71 6.03 -14.80
N ARG B 50 -20.68 6.85 -14.64
CA ARG B 50 -20.67 8.19 -15.28
C ARG B 50 -19.41 8.48 -16.05
N GLU B 51 -18.72 7.43 -16.50
CA GLU B 51 -17.51 7.61 -17.28
C GLU B 51 -17.86 8.13 -18.67
N ALA B 52 -17.16 9.18 -19.11
CA ALA B 52 -17.38 9.75 -20.43
C ALA B 52 -17.00 8.76 -21.52
N VAL B 53 -15.96 7.97 -21.27
CA VAL B 53 -15.51 6.98 -22.23
C VAL B 53 -15.16 5.68 -21.51
N SER B 54 -15.54 4.55 -22.10
CA SER B 54 -15.17 3.25 -21.56
C SER B 54 -13.66 3.11 -21.55
N PRO B 55 -13.12 2.43 -20.53
CA PRO B 55 -11.70 2.11 -20.59
C PRO B 55 -11.43 1.19 -21.76
N VAL B 56 -10.18 1.18 -22.23
CA VAL B 56 -9.77 0.29 -23.31
C VAL B 56 -9.25 -1.01 -22.74
N VAL B 57 -9.64 -2.14 -23.31
CA VAL B 57 -9.17 -3.43 -22.80
C VAL B 57 -7.72 -3.67 -23.21
N ALA B 58 -6.87 -3.93 -22.21
CA ALA B 58 -5.48 -4.30 -22.46
C ALA B 58 -5.34 -5.80 -22.33
N VAL B 59 -4.73 -6.44 -23.33
CA VAL B 59 -4.64 -7.90 -23.32
C VAL B 59 -3.21 -8.47 -23.29
N ALA B 60 -2.21 -7.62 -23.50
CA ALA B 60 -0.81 -8.01 -23.33
C ALA B 60 0.06 -6.78 -23.20
N ALA B 61 1.27 -6.99 -22.68
CA ALA B 61 2.29 -5.95 -22.64
C ALA B 61 3.67 -6.56 -22.75
N HIS B 62 4.47 -6.04 -23.67
CA HIS B 62 5.79 -6.60 -23.95
C HIS B 62 6.70 -5.48 -24.41
N GLY B 63 7.85 -5.34 -23.76
CA GLY B 63 8.75 -4.26 -24.08
C GLY B 63 8.06 -2.92 -23.89
N ALA B 64 8.22 -2.01 -24.85
CA ALA B 64 7.60 -0.71 -24.77
C ALA B 64 6.16 -0.69 -25.29
N TRP B 65 5.60 -1.86 -25.59
CA TRP B 65 4.33 -1.94 -26.30
C TRP B 65 3.21 -2.59 -25.52
N LEU B 66 2.04 -1.97 -25.56
CA LEU B 66 0.81 -2.56 -25.03
C LEU B 66 -0.02 -3.14 -26.17
N THR B 67 -0.70 -4.26 -25.94
CA THR B 67 -1.66 -4.73 -26.92
C THR B 67 -3.04 -4.39 -26.39
N LEU B 68 -3.74 -3.53 -27.13
CA LEU B 68 -5.05 -3.01 -26.72
C LEU B 68 -6.11 -3.48 -27.68
N ILE B 69 -7.36 -3.56 -27.23
CA ILE B 69 -8.45 -3.97 -28.11
C ILE B 69 -9.14 -2.74 -28.71
N ARG B 70 -9.11 -2.64 -30.03
CA ARG B 70 -9.73 -1.53 -30.76
C ARG B 70 -10.55 -2.12 -31.90
N ASP B 71 -11.82 -1.75 -32.00
CA ASP B 71 -12.70 -2.34 -33.02
C ASP B 71 -12.73 -3.86 -32.90
N GLY B 72 -12.58 -4.38 -31.67
CA GLY B 72 -12.58 -5.82 -31.47
C GLY B 72 -11.27 -6.52 -31.81
N GLN B 73 -10.29 -5.74 -32.23
CA GLN B 73 -9.01 -6.26 -32.71
C GLN B 73 -7.82 -5.90 -31.81
N PRO B 74 -6.84 -6.80 -31.70
CA PRO B 74 -5.63 -6.51 -30.92
C PRO B 74 -4.65 -5.63 -31.68
N ILE B 75 -4.42 -4.42 -31.19
N ILE B 75 -4.39 -4.44 -31.15
CA ILE B 75 -3.44 -3.55 -31.81
CA ILE B 75 -3.49 -3.46 -31.76
C ILE B 75 -2.34 -3.20 -30.82
C ILE B 75 -2.33 -3.13 -30.81
N GLU B 76 -1.11 -3.12 -31.34
CA GLU B 76 0.04 -2.78 -30.50
C GLU B 76 0.34 -1.28 -30.55
N VAL B 77 0.49 -0.68 -29.37
CA VAL B 77 0.75 0.74 -29.26
C VAL B 77 1.82 1.00 -28.20
N LEU B 78 2.55 2.10 -28.36
CA LEU B 78 3.64 2.42 -27.45
C LEU B 78 3.11 2.91 -26.11
N ASP B 79 3.71 2.41 -25.04
CA ASP B 79 3.36 2.80 -23.68
C ASP B 79 4.10 4.08 -23.33
N ALA B 80 3.61 5.21 -23.83
CA ALA B 80 4.33 6.46 -23.70
C ALA B 80 4.37 6.95 -22.25
N MET B 81 3.46 6.44 -21.43
CA MET B 81 3.35 6.86 -20.02
C MET B 81 4.17 5.95 -19.11
N SER B 82 4.84 4.95 -19.67
CA SER B 82 5.46 3.88 -18.88
C SER B 82 4.49 3.31 -17.85
N SER B 83 3.21 3.22 -18.20
CA SER B 83 2.21 2.73 -17.27
C SER B 83 2.34 3.46 -15.93
N TRP B 84 2.28 4.79 -16.02
CA TRP B 84 2.29 5.69 -14.86
C TRP B 84 3.63 5.62 -14.13
N TRP B 85 4.70 5.83 -14.89
CA TRP B 85 6.08 5.95 -14.40
C TRP B 85 6.73 4.62 -14.02
N THR B 86 5.99 3.52 -14.11
CA THR B 86 6.49 2.27 -13.54
C THR B 86 7.43 1.46 -14.45
N ALA B 87 7.13 1.41 -15.73
CA ALA B 87 7.72 0.45 -16.68
C ALA B 87 9.06 0.91 -17.27
N ILE B 88 10.05 1.18 -16.42
CA ILE B 88 11.28 1.80 -16.91
C ILE B 88 12.12 0.91 -17.84
N HIS B 89 12.07 -0.41 -17.65
CA HIS B 89 12.76 -1.34 -18.55
C HIS B 89 11.81 -1.99 -19.56
N GLY B 90 10.61 -1.42 -19.68
CA GLY B 90 9.58 -2.02 -20.50
C GLY B 90 8.93 -3.19 -19.78
N HIS B 91 7.85 -3.71 -20.35
CA HIS B 91 7.13 -4.82 -19.77
C HIS B 91 7.78 -6.15 -20.15
N GLY B 92 7.66 -7.15 -19.30
CA GLY B 92 8.11 -8.49 -19.63
C GLY B 92 9.58 -8.56 -20.01
N HIS B 93 10.40 -7.80 -19.30
CA HIS B 93 11.84 -7.87 -19.51
C HIS B 93 12.32 -9.25 -19.06
N PRO B 94 13.03 -9.98 -19.92
CA PRO B 94 13.45 -11.35 -19.58
C PRO B 94 14.19 -11.46 -18.24
N ALA B 95 15.03 -10.47 -17.91
CA ALA B 95 15.78 -10.50 -16.65
C ALA B 95 14.87 -10.38 -15.43
N LEU B 96 13.80 -9.60 -15.59
CA LEU B 96 12.91 -9.32 -14.47
C LEU B 96 11.89 -10.45 -14.32
N ASP B 97 11.40 -10.94 -15.45
CA ASP B 97 10.58 -12.16 -15.46
C ASP B 97 11.34 -13.29 -14.75
N GLN B 98 12.61 -13.45 -15.09
CA GLN B 98 13.45 -14.50 -14.54
C GLN B 98 13.63 -14.37 -13.03
N ALA B 99 13.89 -13.16 -12.58
CA ALA B 99 14.09 -12.90 -11.15
C ALA B 99 12.87 -13.31 -10.35
N LEU B 100 11.68 -12.99 -10.87
CA LEU B 100 10.44 -13.33 -10.18
C LEU B 100 10.23 -14.84 -10.14
N THR B 101 10.45 -15.49 -11.29
N THR B 101 10.43 -15.48 -11.30
CA THR B 101 10.23 -16.94 -11.37
CA THR B 101 10.25 -16.93 -11.41
C THR B 101 11.23 -17.70 -10.51
C THR B 101 11.21 -17.67 -10.49
N THR B 102 12.45 -17.18 -10.42
CA THR B 102 13.47 -17.79 -9.58
C THR B 102 13.07 -17.72 -8.10
N GLN B 103 12.63 -16.55 -7.66
CA GLN B 103 12.24 -16.39 -6.26
C GLN B 103 11.00 -17.21 -5.94
N LEU B 104 10.05 -17.30 -6.87
CA LEU B 104 8.83 -18.06 -6.68
C LEU B 104 9.11 -19.52 -6.30
N ARG B 105 10.19 -20.08 -6.84
CA ARG B 105 10.54 -21.48 -6.58
C ARG B 105 11.14 -21.72 -5.20
N VAL B 106 11.51 -20.64 -4.51
CA VAL B 106 12.20 -20.72 -3.24
C VAL B 106 11.30 -20.30 -2.07
N MET B 107 10.70 -19.13 -2.19
CA MET B 107 9.94 -18.56 -1.08
C MET B 107 9.08 -17.40 -1.57
N ASN B 108 7.75 -17.57 -1.59
CA ASN B 108 6.89 -16.49 -2.08
C ASN B 108 6.88 -15.32 -1.10
N HIS B 109 6.77 -15.64 0.18
CA HIS B 109 6.61 -14.63 1.21
C HIS B 109 6.77 -15.27 2.59
N VAL B 110 7.37 -14.53 3.50
CA VAL B 110 7.25 -14.86 4.93
C VAL B 110 7.02 -13.55 5.68
N MET B 111 6.43 -13.63 6.88
CA MET B 111 6.20 -12.41 7.67
C MET B 111 7.53 -11.80 8.10
N PHE B 112 7.60 -10.47 8.09
CA PHE B 112 8.87 -9.80 8.43
C PHE B 112 8.99 -9.57 9.93
N GLY B 113 7.96 -9.93 10.69
CA GLY B 113 8.02 -9.85 12.14
C GLY B 113 8.80 -11.03 12.70
N GLY B 114 10.05 -10.80 13.07
CA GLY B 114 10.85 -11.84 13.69
C GLY B 114 11.70 -12.66 12.73
N LEU B 115 11.52 -12.42 11.43
CA LEU B 115 12.23 -13.14 10.36
C LEU B 115 12.88 -12.14 9.43
N THR B 116 13.99 -12.52 8.83
CA THR B 116 14.55 -11.72 7.75
C THR B 116 14.91 -12.66 6.60
N HIS B 117 15.32 -12.11 5.47
CA HIS B 117 15.59 -12.93 4.30
C HIS B 117 16.49 -12.24 3.28
N GLU B 118 16.98 -13.04 2.34
CA GLU B 118 17.99 -12.57 1.39
C GLU B 118 17.51 -11.44 0.44
N PRO B 119 16.30 -11.56 -0.14
CA PRO B 119 15.88 -10.44 -1.00
C PRO B 119 15.81 -9.09 -0.27
N ALA B 120 15.32 -9.07 0.97
CA ALA B 120 15.27 -7.80 1.70
C ALA B 120 16.66 -7.25 1.98
N ALA B 121 17.57 -8.14 2.37
CA ALA B 121 18.92 -7.72 2.69
C ALA B 121 19.62 -7.19 1.44
N ARG B 122 19.49 -7.93 0.33
N ARG B 122 19.48 -7.92 0.33
CA ARG B 122 20.10 -7.52 -0.92
CA ARG B 122 20.10 -7.53 -0.92
C ARG B 122 19.58 -6.16 -1.37
C ARG B 122 19.57 -6.19 -1.42
N LEU B 123 18.26 -5.97 -1.29
CA LEU B 123 17.67 -4.72 -1.74
C LEU B 123 18.04 -3.56 -0.82
N ALA B 124 18.02 -3.79 0.49
CA ALA B 124 18.37 -2.73 1.45
C ALA B 124 19.80 -2.30 1.21
N LYS B 125 20.69 -3.26 1.00
CA LYS B 125 22.10 -2.94 0.77
C LYS B 125 22.27 -2.12 -0.49
N LEU B 126 21.58 -2.52 -1.56
CA LEU B 126 21.62 -1.78 -2.81
C LEU B 126 21.11 -0.36 -2.61
N LEU B 127 19.97 -0.23 -1.95
CA LEU B 127 19.37 1.10 -1.83
C LEU B 127 20.21 2.05 -0.98
N VAL B 128 20.78 1.54 0.11
N VAL B 128 20.80 1.56 0.11
CA VAL B 128 21.61 2.38 0.96
CA VAL B 128 21.59 2.47 0.95
C VAL B 128 22.81 2.87 0.17
C VAL B 128 22.88 2.84 0.22
N ASP B 129 23.34 1.98 -0.68
CA ASP B 129 24.54 2.28 -1.46
C ASP B 129 24.33 3.33 -2.56
N ILE B 130 23.19 3.31 -3.22
CA ILE B 130 23.00 4.16 -4.39
C ILE B 130 22.19 5.44 -4.13
N THR B 131 21.56 5.55 -2.97
CA THR B 131 20.83 6.76 -2.62
C THR B 131 21.79 7.84 -2.12
N PRO B 132 21.32 9.08 -2.03
CA PRO B 132 22.18 10.16 -1.49
C PRO B 132 22.82 9.82 -0.14
N ALA B 133 24.04 10.32 0.07
CA ALA B 133 24.83 9.99 1.25
C ALA B 133 24.10 10.17 2.57
N GLY B 134 24.24 9.19 3.46
CA GLY B 134 23.73 9.31 4.81
C GLY B 134 22.42 8.58 5.07
N LEU B 135 21.78 8.11 4.00
CA LEU B 135 20.53 7.36 4.14
C LEU B 135 20.86 5.89 4.40
N ASP B 136 20.81 5.52 5.67
CA ASP B 136 21.43 4.29 6.14
C ASP B 136 20.44 3.18 6.54
N THR B 137 19.16 3.52 6.63
CA THR B 137 18.20 2.50 7.04
C THR B 137 17.01 2.54 6.11
N VAL B 138 16.36 1.38 5.95
CA VAL B 138 15.32 1.20 4.95
C VAL B 138 14.08 0.56 5.55
N PHE B 139 12.94 1.24 5.39
CA PHE B 139 11.64 0.73 5.81
C PHE B 139 10.82 0.40 4.58
N PHE B 140 10.54 -0.87 4.35
CA PHE B 140 9.76 -1.27 3.18
C PHE B 140 8.27 -1.20 3.45
N SER B 141 7.52 -0.73 2.45
CA SER B 141 6.06 -0.79 2.52
C SER B 141 5.52 -1.13 1.15
N ASP B 142 4.20 -1.05 0.99
CA ASP B 142 3.61 -1.57 -0.22
C ASP B 142 3.19 -0.52 -1.23
N SER B 143 3.29 0.76 -0.90
CA SER B 143 2.92 1.80 -1.85
C SER B 143 3.52 3.15 -1.48
N GLY B 144 3.58 4.02 -2.49
CA GLY B 144 4.08 5.37 -2.33
C GLY B 144 3.38 6.13 -1.22
N SER B 145 2.05 6.10 -1.20
CA SER B 145 1.32 6.87 -0.18
C SER B 145 1.68 6.38 1.21
N VAL B 146 1.80 5.07 1.38
CA VAL B 146 2.16 4.54 2.69
C VAL B 146 3.57 4.99 3.05
N SER B 147 4.49 4.98 2.07
CA SER B 147 5.87 5.35 2.36
C SER B 147 5.96 6.81 2.81
N VAL B 148 5.07 7.65 2.29
CA VAL B 148 5.00 9.05 2.71
C VAL B 148 4.49 9.15 4.15
N GLU B 149 3.48 8.35 4.50
CA GLU B 149 2.99 8.38 5.86
C GLU B 149 4.05 7.87 6.82
N VAL B 150 4.84 6.87 6.38
CA VAL B 150 5.94 6.36 7.20
C VAL B 150 6.98 7.46 7.41
N ALA B 151 7.28 8.20 6.35
CA ALA B 151 8.23 9.30 6.47
C ALA B 151 7.77 10.34 7.47
N ALA B 152 6.48 10.67 7.43
CA ALA B 152 5.93 11.66 8.36
C ALA B 152 5.99 11.11 9.78
N LYS B 153 5.69 9.83 9.92
CA LYS B 153 5.74 9.19 11.23
C LYS B 153 7.16 9.22 11.78
N MET B 154 8.15 8.95 10.91
CA MET B 154 9.55 9.04 11.33
C MET B 154 9.86 10.43 11.84
N ALA B 155 9.43 11.45 11.11
CA ALA B 155 9.71 12.83 11.50
C ALA B 155 9.06 13.20 12.82
N LEU B 156 7.80 12.80 13.02
CA LEU B 156 7.07 13.12 14.24
C LEU B 156 7.66 12.37 15.43
N GLN B 157 8.02 11.10 15.25
CA GLN B 157 8.60 10.36 16.37
C GLN B 157 10.00 10.87 16.68
N TYR B 158 10.69 11.38 15.66
CA TYR B 158 12.03 11.94 15.85
C TYR B 158 11.95 13.08 16.84
N TRP B 159 11.07 14.04 16.58
CA TRP B 159 11.03 15.22 17.44
C TRP B 159 10.43 14.89 18.81
N ARG B 160 9.54 13.91 18.88
CA ARG B 160 9.05 13.49 20.17
C ARG B 160 10.18 12.80 20.95
N GLY B 161 11.11 12.19 20.23
CA GLY B 161 12.30 11.60 20.84
C GLY B 161 13.33 12.63 21.30
N ARG B 162 13.15 13.88 20.88
CA ARG B 162 14.02 14.98 21.31
C ARG B 162 13.28 15.88 22.29
N GLY B 163 12.13 15.42 22.77
CA GLY B 163 11.33 16.18 23.72
C GLY B 163 10.63 17.39 23.15
N LEU B 164 10.35 17.36 21.84
CA LEU B 164 9.70 18.49 21.18
C LEU B 164 8.43 18.10 20.42
N PRO B 165 7.37 17.70 21.15
CA PRO B 165 6.14 17.23 20.51
C PRO B 165 5.37 18.30 19.75
N GLY B 166 5.70 19.56 19.98
CA GLY B 166 5.08 20.64 19.24
C GLY B 166 5.50 20.65 17.78
N LYS B 167 6.64 20.04 17.47
CA LYS B 167 7.12 19.96 16.09
C LYS B 167 6.38 18.81 15.39
N ARG B 168 5.19 19.13 14.90
CA ARG B 168 4.28 18.11 14.38
C ARG B 168 3.61 18.47 13.05
N ARG B 169 3.88 19.68 12.53
CA ARG B 169 3.29 20.07 11.25
C ARG B 169 4.29 19.88 10.12
N LEU B 170 3.79 19.89 8.90
CA LEU B 170 4.63 19.78 7.72
C LEU B 170 4.56 21.06 6.91
N MET B 171 5.65 21.37 6.22
CA MET B 171 5.67 22.50 5.30
C MET B 171 6.05 22.03 3.90
N THR B 172 5.41 22.59 2.88
CA THR B 172 5.79 22.26 1.52
C THR B 172 5.59 23.47 0.62
N TRP B 173 5.96 23.33 -0.65
CA TRP B 173 5.59 24.36 -1.61
C TRP B 173 4.35 23.91 -2.38
N ARG B 174 3.63 24.86 -2.97
CA ARG B 174 2.48 24.48 -3.79
C ARG B 174 2.93 23.77 -5.07
N GLY B 175 1.98 23.08 -5.71
CA GLY B 175 2.22 22.35 -6.94
C GLY B 175 2.53 20.88 -6.76
N GLY B 176 2.56 20.42 -5.50
CA GLY B 176 3.06 19.09 -5.21
C GLY B 176 2.03 17.99 -5.16
N TYR B 177 2.52 16.76 -5.19
CA TYR B 177 1.66 15.58 -5.05
C TYR B 177 2.40 14.55 -4.23
N HIS B 178 1.75 13.98 -3.22
CA HIS B 178 2.43 13.04 -2.34
C HIS B 178 1.59 11.81 -2.03
N GLY B 179 0.50 11.62 -2.77
CA GLY B 179 -0.34 10.45 -2.58
C GLY B 179 -1.75 10.72 -2.05
N ASP B 180 -2.51 9.65 -1.83
CA ASP B 180 -3.95 9.78 -1.63
C ASP B 180 -4.47 9.39 -0.24
N THR B 181 -3.59 8.88 0.63
CA THR B 181 -4.02 8.66 2.00
C THR B 181 -4.13 10.02 2.69
N PHE B 182 -4.81 10.10 3.83
CA PHE B 182 -5.24 11.41 4.32
C PHE B 182 -4.08 12.31 4.79
N LEU B 183 -3.01 11.78 5.36
CA LEU B 183 -1.86 12.63 5.67
CA LEU B 183 -1.88 12.65 5.68
C LEU B 183 -1.18 13.09 4.38
N ALA B 184 -0.99 12.15 3.45
CA ALA B 184 -0.40 12.51 2.15
C ALA B 184 -1.22 13.61 1.45
N MET B 185 -2.55 13.52 1.52
CA MET B 185 -3.42 14.54 0.93
C MET B 185 -3.13 15.93 1.49
N SER B 186 -2.77 16.00 2.76
CA SER B 186 -2.65 17.29 3.45
C SER B 186 -1.48 18.13 2.92
N ILE B 187 -0.52 17.51 2.26
CA ILE B 187 0.60 18.25 1.66
C ILE B 187 0.56 18.27 0.13
N CYS B 188 -0.52 17.75 -0.45
CA CYS B 188 -0.76 17.89 -1.88
C CYS B 188 -1.18 19.32 -2.17
N ASP B 189 -0.95 19.78 -3.40
CA ASP B 189 -1.40 21.09 -3.82
C ASP B 189 -2.88 21.27 -3.49
N PRO B 190 -3.24 22.37 -2.81
CA PRO B 190 -4.65 22.53 -2.42
C PRO B 190 -5.63 22.59 -3.60
N HIS B 191 -5.21 23.06 -4.76
CA HIS B 191 -6.12 23.09 -5.92
C HIS B 191 -6.20 21.76 -6.61
N GLY B 192 -5.06 21.25 -7.03
CA GLY B 192 -4.98 19.97 -7.71
C GLY B 192 -5.58 18.89 -6.82
N GLY B 193 -5.33 19.02 -5.52
CA GLY B 193 -5.79 18.04 -4.55
C GLY B 193 -7.20 18.25 -4.07
N MET B 194 -7.89 19.25 -4.63
CA MET B 194 -9.29 19.52 -4.34
C MET B 194 -9.59 19.66 -2.85
N HIS B 195 -8.78 20.45 -2.14
CA HIS B 195 -8.93 20.58 -0.69
C HIS B 195 -10.22 21.27 -0.29
N SER B 196 -10.85 21.94 -1.26
CA SER B 196 -12.14 22.60 -1.03
C SER B 196 -13.21 21.58 -0.70
N LEU B 197 -12.99 20.34 -1.13
CA LEU B 197 -13.94 19.25 -0.91
C LEU B 197 -13.68 18.58 0.43
N TRP B 198 -12.62 19.00 1.10
CA TRP B 198 -12.15 18.35 2.33
C TRP B 198 -12.08 19.29 3.51
N THR B 199 -12.90 20.34 3.48
CA THR B 199 -12.90 21.31 4.57
C THR B 199 -13.19 20.62 5.90
N ASP B 200 -12.36 20.92 6.89
CA ASP B 200 -12.44 20.40 8.26
C ASP B 200 -12.02 18.93 8.42
N VAL B 201 -11.48 18.33 7.35
CA VAL B 201 -11.06 16.92 7.40
C VAL B 201 -9.53 16.75 7.44
N LEU B 202 -8.82 17.54 6.66
CA LEU B 202 -7.36 17.37 6.53
C LEU B 202 -6.58 18.12 7.60
N ALA B 203 -5.40 17.61 7.96
CA ALA B 203 -4.48 18.39 8.77
C ALA B 203 -4.14 19.67 8.05
N ALA B 204 -4.04 20.77 8.80
CA ALA B 204 -3.68 22.05 8.22
C ALA B 204 -2.16 22.22 8.18
N GLN B 205 -1.59 22.20 6.97
CA GLN B 205 -0.15 22.27 6.84
C GLN B 205 0.26 23.66 6.37
N VAL B 206 1.57 23.88 6.30
CA VAL B 206 2.12 25.17 5.87
C VAL B 206 2.53 25.14 4.39
N PHE B 207 1.97 26.03 3.58
CA PHE B 207 2.31 26.05 2.16
C PHE B 207 3.02 27.33 1.78
N ALA B 208 4.20 27.16 1.18
CA ALA B 208 4.88 28.24 0.47
C ALA B 208 4.30 28.35 -0.95
N PRO B 209 4.54 29.49 -1.62
CA PRO B 209 4.06 29.62 -3.00
C PRO B 209 4.67 28.61 -3.95
N GLN B 210 4.06 28.47 -5.13
CA GLN B 210 4.60 27.63 -6.19
C GLN B 210 6.09 27.90 -6.43
N VAL B 211 6.90 26.86 -6.39
CA VAL B 211 8.32 27.02 -6.67
C VAL B 211 8.48 27.33 -8.17
N PRO B 212 9.25 28.39 -8.49
CA PRO B 212 9.40 28.80 -9.89
C PRO B 212 10.30 27.86 -10.70
N ARG B 213 10.22 27.94 -12.02
CA ARG B 213 11.10 27.17 -12.88
C ARG B 213 12.55 27.67 -12.74
N ASP B 214 12.73 28.97 -12.95
CA ASP B 214 14.07 29.55 -12.92
C ASP B 214 14.47 29.92 -11.50
N TYR B 215 15.77 29.84 -11.22
CA TYR B 215 16.28 30.12 -9.89
C TYR B 215 16.24 31.59 -9.54
N ASP B 216 15.58 31.88 -8.43
CA ASP B 216 15.46 33.23 -7.91
C ASP B 216 15.71 33.16 -6.41
N PRO B 217 16.86 33.69 -5.96
CA PRO B 217 17.20 33.63 -4.54
C PRO B 217 16.15 34.28 -3.65
N ALA B 218 15.33 35.17 -4.24
CA ALA B 218 14.29 35.85 -3.50
C ALA B 218 13.23 34.85 -3.06
N TYR B 219 13.00 33.82 -3.88
CA TYR B 219 12.00 32.81 -3.53
C TYR B 219 12.46 32.05 -2.28
N SER B 220 13.74 31.65 -2.28
CA SER B 220 14.30 30.89 -1.17
C SER B 220 14.34 31.73 0.09
N ALA B 221 14.66 33.02 -0.04
CA ALA B 221 14.66 33.88 1.13
C ALA B 221 13.28 33.99 1.76
N ALA B 222 12.25 34.06 0.93
CA ALA B 222 10.86 34.13 1.38
C ALA B 222 10.43 32.81 2.02
N PHE B 223 10.85 31.70 1.43
CA PHE B 223 10.56 30.37 1.99
C PHE B 223 11.15 30.29 3.39
N GLU B 224 12.39 30.74 3.53
CA GLU B 224 13.08 30.73 4.82
C GLU B 224 12.35 31.58 5.84
N ALA B 225 11.96 32.79 5.45
CA ALA B 225 11.27 33.67 6.38
C ALA B 225 9.95 33.07 6.87
N GLN B 226 9.22 32.43 5.97
CA GLN B 226 7.97 31.74 6.32
C GLN B 226 8.24 30.54 7.24
N LEU B 227 9.21 29.73 6.87
CA LEU B 227 9.58 28.58 7.70
C LEU B 227 10.01 29.05 9.10
N ALA B 228 10.78 30.14 9.15
CA ALA B 228 11.31 30.63 10.42
C ALA B 228 10.19 30.89 11.43
N GLN B 229 9.10 31.46 10.93
CA GLN B 229 7.98 31.85 11.75
C GLN B 229 7.28 30.62 12.35
N HIS B 230 7.41 29.50 11.65
CA HIS B 230 6.74 28.25 12.02
C HIS B 230 7.68 27.20 12.59
N ALA B 231 8.97 27.51 12.72
CA ALA B 231 9.97 26.45 12.96
C ALA B 231 9.65 25.60 14.19
N GLY B 232 9.09 26.23 15.22
CA GLY B 232 8.83 25.56 16.47
C GLY B 232 7.68 24.60 16.40
N GLU B 233 6.87 24.67 15.35
CA GLU B 233 5.80 23.70 15.20
C GLU B 233 5.97 22.81 13.97
N LEU B 234 7.13 22.89 13.31
CA LEU B 234 7.37 22.10 12.10
C LEU B 234 8.28 20.90 12.35
N ALA B 235 7.78 19.71 11.99
CA ALA B 235 8.58 18.52 12.03
C ALA B 235 9.48 18.43 10.80
N ALA B 236 8.93 18.82 9.65
CA ALA B 236 9.63 18.57 8.40
C ALA B 236 9.11 19.42 7.24
N VAL B 237 10.01 19.65 6.29
CA VAL B 237 9.67 20.11 4.94
C VAL B 237 9.62 18.89 4.04
N VAL B 238 8.54 18.74 3.27
CA VAL B 238 8.41 17.62 2.34
C VAL B 238 8.20 18.17 0.93
N VAL B 239 9.07 17.79 -0.01
CA VAL B 239 8.95 18.24 -1.39
C VAL B 239 9.29 17.13 -2.39
N GLU B 240 8.78 17.24 -3.62
CA GLU B 240 9.31 16.47 -4.75
C GLU B 240 10.51 17.20 -5.31
N PRO B 241 11.67 16.54 -5.40
CA PRO B 241 12.85 17.28 -5.90
C PRO B 241 12.89 17.38 -7.43
N VAL B 242 13.11 18.59 -7.94
CA VAL B 242 13.31 18.94 -9.36
C VAL B 242 12.06 18.83 -10.23
N VAL B 243 11.32 17.71 -10.14
CA VAL B 243 10.13 17.53 -10.95
C VAL B 243 8.91 17.30 -10.05
N GLN B 244 7.89 18.13 -10.23
CA GLN B 244 6.59 17.93 -9.60
C GLN B 244 5.71 17.20 -10.61
N GLY B 245 5.26 16.00 -10.27
CA GLY B 245 4.55 15.15 -11.22
C GLY B 245 3.06 15.39 -11.37
N ALA B 246 2.25 14.69 -10.58
CA ALA B 246 0.80 14.76 -10.76
C ALA B 246 0.20 16.14 -10.53
N GLY B 247 0.92 17.01 -9.83
CA GLY B 247 0.44 18.35 -9.55
C GLY B 247 0.62 19.34 -10.69
N GLY B 248 1.29 18.94 -11.76
CA GLY B 248 1.41 19.82 -12.92
C GLY B 248 2.59 19.63 -13.86
N MET B 249 3.36 18.55 -13.65
CA MET B 249 4.51 18.23 -14.50
C MET B 249 5.39 19.46 -14.68
N ARG B 250 5.69 20.11 -13.55
CA ARG B 250 6.51 21.32 -13.52
C ARG B 250 7.93 21.00 -13.10
N PHE B 251 8.91 21.70 -13.70
CA PHE B 251 10.30 21.51 -13.31
C PHE B 251 10.81 22.73 -12.58
N HIS B 252 11.70 22.54 -11.61
CA HIS B 252 12.33 23.71 -10.96
C HIS B 252 13.83 23.52 -10.83
N ASP B 253 14.55 24.64 -10.72
CA ASP B 253 16.00 24.59 -10.63
C ASP B 253 16.46 23.80 -9.40
N PRO B 254 17.39 22.85 -9.60
CA PRO B 254 17.88 22.04 -8.47
C PRO B 254 18.50 22.87 -7.34
N ARG B 255 18.92 24.11 -7.63
N ARG B 255 18.92 24.11 -7.63
CA ARG B 255 19.53 24.94 -6.59
CA ARG B 255 19.53 24.94 -6.60
C ARG B 255 18.56 25.25 -5.45
C ARG B 255 18.56 25.24 -5.46
N TYR B 256 17.26 25.22 -5.74
CA TYR B 256 16.26 25.40 -4.69
C TYR B 256 16.38 24.33 -3.61
N LEU B 257 16.77 23.11 -4.02
CA LEU B 257 16.89 22.01 -3.07
C LEU B 257 18.10 22.21 -2.18
N HIS B 258 19.17 22.75 -2.76
CA HIS B 258 20.34 23.13 -2.00
C HIS B 258 19.97 24.17 -0.93
N ASP B 259 19.10 25.12 -1.29
CA ASP B 259 18.63 26.11 -0.34
C ASP B 259 17.76 25.47 0.76
N LEU B 260 16.88 24.56 0.37
CA LEU B 260 16.06 23.89 1.38
C LEU B 260 16.91 23.14 2.38
N ARG B 261 17.96 22.46 1.90
CA ARG B 261 18.80 21.71 2.80
C ARG B 261 19.45 22.64 3.82
N ASP B 262 19.90 23.79 3.33
CA ASP B 262 20.53 24.79 4.17
C ASP B 262 19.57 25.36 5.21
N ILE B 263 18.37 25.73 4.76
CA ILE B 263 17.34 26.30 5.62
C ILE B 263 16.96 25.30 6.72
N CYS B 264 16.73 24.06 6.31
CA CYS B 264 16.31 23.03 7.26
C CYS B 264 17.39 22.78 8.31
N ARG B 265 18.64 22.74 7.86
CA ARG B 265 19.79 22.55 8.75
C ARG B 265 19.84 23.66 9.79
N ARG B 266 19.74 24.91 9.35
CA ARG B 266 19.91 26.03 10.25
C ARG B 266 18.73 26.24 11.20
N TYR B 267 17.53 25.84 10.77
CA TYR B 267 16.34 26.04 11.60
C TYR B 267 15.85 24.76 12.29
N GLU B 268 16.62 23.68 12.15
CA GLU B 268 16.32 22.41 12.83
C GLU B 268 14.92 21.89 12.45
N VAL B 269 14.74 21.70 11.15
CA VAL B 269 13.54 21.07 10.61
C VAL B 269 14.05 19.96 9.72
N LEU B 270 13.44 18.77 9.77
CA LEU B 270 13.90 17.69 8.92
C LEU B 270 13.54 17.97 7.45
N LEU B 271 14.38 17.47 6.54
CA LEU B 271 14.10 17.55 5.10
C LEU B 271 13.72 16.18 4.55
N ILE B 272 12.54 16.10 3.96
CA ILE B 272 12.06 14.87 3.32
C ILE B 272 11.91 15.05 1.80
N PHE B 273 12.57 14.21 1.02
CA PHE B 273 12.42 14.22 -0.42
C PHE B 273 11.54 13.07 -0.85
N ASP B 274 10.47 13.40 -1.55
CA ASP B 274 9.58 12.40 -2.14
C ASP B 274 10.06 12.10 -3.55
N GLU B 275 10.82 11.01 -3.72
CA GLU B 275 11.33 10.62 -5.04
C GLU B 275 10.56 9.45 -5.60
N ILE B 276 9.30 9.35 -5.22
CA ILE B 276 8.48 8.23 -5.69
C ILE B 276 8.27 8.26 -7.22
N ALA B 277 8.27 9.44 -7.84
CA ALA B 277 8.20 9.51 -9.31
C ALA B 277 9.55 9.81 -9.95
N THR B 278 10.42 10.51 -9.24
CA THR B 278 11.68 10.95 -9.83
C THR B 278 12.82 9.93 -9.76
N GLY B 279 12.67 8.88 -8.95
CA GLY B 279 13.78 7.98 -8.69
C GLY B 279 14.23 7.12 -9.86
N PHE B 280 15.39 6.51 -9.69
CA PHE B 280 15.91 5.50 -10.61
C PHE B 280 16.09 6.01 -12.02
N GLY B 281 16.71 7.19 -12.12
CA GLY B 281 17.22 7.71 -13.37
C GLY B 281 16.30 8.60 -14.19
N ARG B 282 15.05 8.70 -13.79
CA ARG B 282 14.02 9.30 -14.65
C ARG B 282 14.30 10.75 -15.04
N THR B 283 14.92 11.52 -14.16
CA THR B 283 15.19 12.94 -14.46
C THR B 283 16.60 13.16 -15.00
N GLY B 284 17.32 12.08 -15.28
CA GLY B 284 18.66 12.22 -15.82
C GLY B 284 19.77 12.01 -14.80
N ALA B 285 19.39 11.98 -13.52
CA ALA B 285 20.31 11.58 -12.46
C ALA B 285 19.72 10.36 -11.78
N LEU B 286 20.52 9.61 -11.03
CA LEU B 286 20.00 8.38 -10.44
C LEU B 286 18.85 8.73 -9.51
N PHE B 287 19.04 9.74 -8.67
CA PHE B 287 17.94 10.33 -7.93
C PHE B 287 17.99 11.83 -8.15
N ALA B 288 16.83 12.48 -8.17
CA ALA B 288 16.77 13.89 -8.55
C ALA B 288 17.54 14.78 -7.59
N ALA B 289 17.66 14.34 -6.34
CA ALA B 289 18.46 15.04 -5.35
C ALA B 289 19.90 15.19 -5.82
N ASP B 290 20.36 14.25 -6.65
CA ASP B 290 21.75 14.26 -7.10
C ASP B 290 22.04 15.46 -8.01
N HIS B 291 21.01 16.01 -8.64
CA HIS B 291 21.18 17.25 -9.43
C HIS B 291 21.64 18.42 -8.56
N ALA B 292 21.29 18.38 -7.28
CA ALA B 292 21.58 19.45 -6.34
C ALA B 292 22.76 19.10 -5.44
N GLY B 293 23.13 17.82 -5.45
CA GLY B 293 24.26 17.33 -4.65
C GLY B 293 23.95 17.41 -3.18
N VAL B 294 22.70 17.13 -2.85
N VAL B 294 22.73 17.06 -2.85
CA VAL B 294 22.18 17.31 -1.49
CA VAL B 294 22.30 17.21 -1.49
C VAL B 294 21.49 16.04 -0.99
C VAL B 294 21.56 15.98 -0.99
N SER B 295 21.62 15.76 0.31
CA SER B 295 20.95 14.60 0.93
C SER B 295 19.83 15.05 1.85
N PRO B 296 18.65 14.45 1.71
CA PRO B 296 17.58 14.70 2.67
C PRO B 296 17.80 13.87 3.94
N ASP B 297 17.05 14.13 5.00
CA ASP B 297 17.12 13.30 6.20
C ASP B 297 16.30 12.03 6.01
N ILE B 298 15.23 12.17 5.24
CA ILE B 298 14.32 11.06 4.94
C ILE B 298 13.98 11.10 3.45
N MET B 299 13.86 9.92 2.83
CA MET B 299 13.58 9.84 1.40
C MET B 299 12.58 8.72 1.09
N CYS B 300 11.64 9.00 0.19
CA CYS B 300 10.68 7.98 -0.28
C CYS B 300 10.92 7.58 -1.73
N VAL B 301 10.83 6.28 -2.01
CA VAL B 301 10.89 5.79 -3.39
C VAL B 301 9.76 4.81 -3.65
N GLY B 302 9.41 4.59 -4.93
CA GLY B 302 8.29 3.70 -5.19
C GLY B 302 7.96 3.25 -6.61
N LYS B 303 7.52 4.16 -7.46
CA LYS B 303 6.84 3.74 -8.70
C LYS B 303 7.66 2.80 -9.58
N ALA B 304 8.95 3.10 -9.76
CA ALA B 304 9.79 2.31 -10.65
C ALA B 304 10.68 1.32 -9.91
N LEU B 305 10.48 1.21 -8.60
CA LEU B 305 11.34 0.38 -7.75
C LEU B 305 11.40 -1.08 -8.22
N THR B 306 10.25 -1.66 -8.60
CA THR B 306 10.22 -3.03 -9.09
C THR B 306 10.26 -3.13 -10.62
N GLY B 307 10.59 -2.04 -11.30
CA GLY B 307 10.54 -2.01 -12.75
C GLY B 307 9.12 -2.19 -13.29
N GLY B 308 8.13 -1.88 -12.47
CA GLY B 308 6.75 -1.87 -12.90
C GLY B 308 6.05 -3.20 -12.84
N TYR B 309 6.62 -4.16 -12.11
CA TYR B 309 5.99 -5.47 -11.96
C TYR B 309 5.00 -5.53 -10.82
N LEU B 310 5.40 -4.98 -9.68
CA LEU B 310 4.68 -5.18 -8.41
C LEU B 310 4.70 -3.96 -7.52
N SER B 311 3.67 -3.83 -6.70
CA SER B 311 3.60 -2.85 -5.63
C SER B 311 4.76 -2.98 -4.65
N LEU B 312 5.55 -1.93 -4.49
CA LEU B 312 6.58 -1.89 -3.45
C LEU B 312 7.05 -0.45 -3.29
N ALA B 313 7.36 -0.04 -2.07
CA ALA B 313 7.89 1.29 -1.80
C ALA B 313 8.88 1.21 -0.66
N ALA B 314 9.69 2.24 -0.50
CA ALA B 314 10.65 2.27 0.60
C ALA B 314 10.78 3.67 1.16
N THR B 315 11.00 3.73 2.46
CA THR B 315 11.33 5.00 3.12
C THR B 315 12.68 4.82 3.76
N LEU B 316 13.62 5.69 3.38
CA LEU B 316 14.96 5.64 3.96
C LEU B 316 15.15 6.80 4.92
N CYS B 317 15.93 6.57 5.97
CA CYS B 317 16.33 7.69 6.81
C CYS B 317 17.74 7.55 7.33
N THR B 318 18.26 8.66 7.84
CA THR B 318 19.62 8.67 8.38
C THR B 318 19.74 7.85 9.65
N ALA B 319 20.97 7.50 9.99
CA ALA B 319 21.26 6.84 11.26
C ALA B 319 20.78 7.70 12.43
N ASP B 320 20.96 9.01 12.34
CA ASP B 320 20.55 9.90 13.43
C ASP B 320 19.05 9.80 13.65
N VAL B 321 18.28 9.83 12.57
CA VAL B 321 16.84 9.75 12.70
C VAL B 321 16.46 8.40 13.32
N ALA B 322 17.05 7.32 12.80
CA ALA B 322 16.72 5.98 13.28
C ALA B 322 17.03 5.78 14.76
N HIS B 323 18.20 6.25 15.17
CA HIS B 323 18.61 6.08 16.56
C HIS B 323 17.77 6.94 17.50
N THR B 324 17.39 8.14 17.07
CA THR B 324 16.61 9.02 17.92
C THR B 324 15.20 8.44 18.11
N ILE B 325 14.62 7.91 17.04
CA ILE B 325 13.34 7.21 17.18
C ILE B 325 13.48 6.02 18.11
N SER B 326 14.53 5.24 17.94
CA SER B 326 14.68 3.98 18.69
C SER B 326 14.94 4.23 20.18
N ALA B 327 15.45 5.41 20.50
CA ALA B 327 15.72 5.78 21.88
C ALA B 327 14.53 6.52 22.48
N GLY B 328 13.54 6.82 21.66
CA GLY B 328 12.35 7.53 22.09
C GLY B 328 11.44 6.69 22.97
N ALA B 329 10.30 7.26 23.37
CA ALA B 329 9.45 6.64 24.39
C ALA B 329 8.78 5.38 23.86
N ALA B 330 8.60 5.31 22.55
CA ALA B 330 8.05 4.12 21.93
C ALA B 330 9.09 3.01 21.86
N GLY B 331 10.35 3.41 21.68
CA GLY B 331 11.43 2.45 21.51
C GLY B 331 11.44 1.80 20.14
N ALA B 332 10.59 2.31 19.25
CA ALA B 332 10.38 1.67 17.96
C ALA B 332 9.63 2.61 17.05
N LEU B 333 9.75 2.38 15.74
CA LEU B 333 8.92 3.07 14.75
C LEU B 333 7.59 2.34 14.71
N MET B 334 6.50 3.04 15.04
CA MET B 334 5.21 2.37 15.24
CA MET B 334 5.21 2.35 15.24
C MET B 334 4.46 2.14 13.93
N HIS B 335 5.01 1.26 13.09
CA HIS B 335 4.45 0.98 11.78
C HIS B 335 4.90 -0.42 11.35
N GLY B 336 4.06 -1.14 10.62
CA GLY B 336 4.40 -2.49 10.24
C GLY B 336 3.42 -3.14 9.28
N PRO B 337 3.60 -2.94 7.96
CA PRO B 337 2.67 -3.45 6.96
C PRO B 337 2.69 -4.97 6.90
N THR B 338 1.53 -5.58 6.66
CA THR B 338 1.42 -7.03 6.50
C THR B 338 2.45 -7.61 5.54
N PHE B 339 2.58 -7.00 4.36
CA PHE B 339 3.50 -7.56 3.36
C PHE B 339 4.86 -6.88 3.32
N MET B 340 5.22 -6.27 4.45
CA MET B 340 6.53 -5.65 4.60
C MET B 340 7.67 -6.50 4.04
N ALA B 341 8.43 -5.92 3.11
CA ALA B 341 9.62 -6.56 2.54
C ALA B 341 9.32 -7.88 1.82
N ASN B 342 8.16 -7.95 1.17
CA ASN B 342 7.76 -9.15 0.42
C ASN B 342 8.87 -9.68 -0.48
N PRO B 343 9.27 -10.96 -0.28
CA PRO B 343 10.34 -11.55 -1.09
C PRO B 343 10.16 -11.43 -2.61
N LEU B 344 8.96 -11.68 -3.13
CA LEU B 344 8.76 -11.61 -4.58
C LEU B 344 9.04 -10.21 -5.08
N ALA B 345 8.43 -9.21 -4.43
CA ALA B 345 8.65 -7.82 -4.84
C ALA B 345 10.09 -7.39 -4.65
N CYS B 346 10.72 -7.75 -3.53
CA CYS B 346 12.11 -7.37 -3.32
C CYS B 346 13.04 -8.02 -4.36
N ALA B 347 12.77 -9.27 -4.70
CA ALA B 347 13.60 -9.99 -5.66
C ALA B 347 13.58 -9.33 -7.04
N VAL B 348 12.40 -8.95 -7.51
CA VAL B 348 12.35 -8.34 -8.83
CA VAL B 348 12.29 -8.31 -8.82
C VAL B 348 12.92 -6.92 -8.77
N SER B 349 12.75 -6.23 -7.65
CA SER B 349 13.39 -4.92 -7.48
CA SER B 349 13.36 -4.91 -7.50
C SER B 349 14.90 -5.00 -7.56
N VAL B 350 15.48 -5.99 -6.91
CA VAL B 350 16.92 -6.17 -6.94
C VAL B 350 17.37 -6.32 -8.39
N ALA B 351 16.66 -7.15 -9.14
CA ALA B 351 16.99 -7.36 -10.54
C ALA B 351 16.85 -6.08 -11.35
N SER B 352 15.77 -5.34 -11.11
CA SER B 352 15.52 -4.08 -11.80
C SER B 352 16.60 -3.04 -11.52
N VAL B 353 17.00 -2.90 -10.26
CA VAL B 353 18.01 -1.92 -9.91
C VAL B 353 19.35 -2.34 -10.51
N GLU B 354 19.69 -3.62 -10.40
CA GLU B 354 20.95 -4.13 -10.95
C GLU B 354 20.99 -3.98 -12.47
N LEU B 355 19.86 -4.21 -13.12
CA LEU B 355 19.74 -4.02 -14.57
C LEU B 355 20.03 -2.58 -14.95
N LEU B 356 19.52 -1.64 -14.16
CA LEU B 356 19.75 -0.23 -14.40
C LEU B 356 21.20 0.14 -14.21
N LEU B 357 21.80 -0.33 -13.11
CA LEU B 357 23.16 0.08 -12.77
C LEU B 357 24.20 -0.60 -13.66
N GLY B 358 23.85 -1.73 -14.23
CA GLY B 358 24.80 -2.52 -15.02
C GLY B 358 24.92 -2.04 -16.46
N GLN B 359 24.19 -0.98 -16.79
CA GLN B 359 24.25 -0.37 -18.10
C GLN B 359 24.61 1.10 -17.97
N ASP B 360 24.96 1.74 -19.09
CA ASP B 360 25.21 3.16 -19.08
C ASP B 360 23.88 3.92 -19.10
N TRP B 361 23.17 3.90 -17.98
CA TRP B 361 21.84 4.49 -17.92
C TRP B 361 21.85 6.00 -18.18
N ARG B 362 22.94 6.66 -17.77
CA ARG B 362 23.02 8.13 -17.89
C ARG B 362 23.02 8.56 -19.35
N THR B 363 23.78 7.85 -20.17
CA THR B 363 23.80 8.10 -21.60
C THR B 363 22.43 7.82 -22.21
N ARG B 364 21.83 6.71 -21.79
CA ARG B 364 20.51 6.32 -22.30
C ARG B 364 19.48 7.42 -22.06
N ILE B 365 19.44 7.94 -20.84
CA ILE B 365 18.48 8.98 -20.50
C ILE B 365 18.78 10.26 -21.27
N THR B 366 20.07 10.55 -21.46
CA THR B 366 20.48 11.71 -22.22
C THR B 366 20.03 11.62 -23.69
N GLU B 367 20.20 10.44 -24.29
CA GLU B 367 19.68 10.21 -25.64
C GLU B 367 18.17 10.36 -25.71
N LEU B 368 17.48 9.83 -24.69
CA LEU B 368 16.03 9.94 -24.64
CA LEU B 368 16.03 9.94 -24.60
C LEU B 368 15.57 11.40 -24.52
N ALA B 369 16.27 12.18 -23.70
CA ALA B 369 15.92 13.58 -23.53
C ALA B 369 16.13 14.35 -24.82
N ALA B 370 17.24 14.05 -25.51
CA ALA B 370 17.54 14.65 -26.81
C ALA B 370 16.46 14.31 -27.84
N GLY B 371 16.01 13.07 -27.85
CA GLY B 371 14.94 12.65 -28.74
C GLY B 371 13.63 13.35 -28.46
N LEU B 372 13.29 13.48 -27.19
CA LEU B 372 12.06 14.18 -26.82
C LEU B 372 12.11 15.65 -27.23
N THR B 373 13.24 16.31 -26.99
CA THR B 373 13.41 17.71 -27.35
C THR B 373 13.27 17.89 -28.87
N ALA B 374 13.99 17.06 -29.62
CA ALA B 374 13.96 17.10 -31.08
C ALA B 374 12.55 16.90 -31.60
N GLY B 375 11.87 15.88 -31.08
CA GLY B 375 10.52 15.58 -31.53
C GLY B 375 9.45 16.59 -31.14
N LEU B 376 9.63 17.28 -30.02
CA LEU B 376 8.56 18.14 -29.51
C LEU B 376 8.74 19.61 -29.90
N ASP B 377 9.90 19.94 -30.47
CA ASP B 377 10.26 21.33 -30.73
C ASP B 377 9.23 22.04 -31.62
N THR B 378 8.74 21.34 -32.63
CA THR B 378 7.80 21.92 -33.57
CA THR B 378 7.79 21.92 -33.57
C THR B 378 6.48 22.33 -32.92
N ALA B 379 6.21 21.80 -31.74
CA ALA B 379 4.95 22.10 -31.06
C ALA B 379 4.92 23.52 -30.51
N ARG B 380 6.10 24.12 -30.34
CA ARG B 380 6.17 25.48 -29.79
C ARG B 380 5.42 26.48 -30.66
N ALA B 381 5.36 26.20 -31.96
CA ALA B 381 4.72 27.09 -32.92
C ALA B 381 3.21 26.94 -32.97
N LEU B 382 2.70 25.84 -32.43
CA LEU B 382 1.26 25.59 -32.44
C LEU B 382 0.54 26.65 -31.62
N PRO B 383 -0.63 27.10 -32.12
CA PRO B 383 -1.36 28.24 -31.55
C PRO B 383 -1.91 28.02 -30.14
N ALA B 384 -2.04 26.78 -29.70
CA ALA B 384 -2.58 26.52 -28.37
C ALA B 384 -1.50 26.09 -27.39
N VAL B 385 -0.25 26.10 -27.85
CA VAL B 385 0.85 25.65 -27.00
C VAL B 385 1.50 26.84 -26.29
N THR B 386 1.59 26.74 -24.96
CA THR B 386 2.21 27.79 -24.15
C THR B 386 3.62 27.45 -23.70
N ASP B 387 3.95 26.15 -23.64
CA ASP B 387 5.29 25.74 -23.27
C ASP B 387 5.59 24.32 -23.72
N VAL B 388 6.86 24.07 -23.99
CA VAL B 388 7.38 22.73 -24.23
C VAL B 388 8.62 22.56 -23.36
N ARG B 389 8.64 21.53 -22.53
CA ARG B 389 9.75 21.35 -21.62
C ARG B 389 10.11 19.88 -21.50
N VAL B 390 11.39 19.62 -21.35
CA VAL B 390 11.92 18.27 -21.23
C VAL B 390 12.91 18.21 -20.06
N CYS B 391 12.84 17.13 -19.28
CA CYS B 391 13.77 16.87 -18.19
C CYS B 391 14.04 15.38 -18.11
N GLY B 392 15.23 14.95 -18.56
CA GLY B 392 15.54 13.54 -18.64
C GLY B 392 14.53 12.85 -19.55
N ALA B 393 14.02 11.70 -19.11
CA ALA B 393 13.06 10.97 -19.91
C ALA B 393 11.62 11.40 -19.59
N ILE B 394 11.39 12.71 -19.62
CA ILE B 394 10.09 13.32 -19.41
C ILE B 394 9.90 14.42 -20.44
N GLY B 395 8.82 14.38 -21.20
CA GLY B 395 8.53 15.42 -22.18
C GLY B 395 7.13 15.98 -22.00
N VAL B 396 7.01 17.31 -21.99
CA VAL B 396 5.74 17.93 -21.71
C VAL B 396 5.38 18.99 -22.75
N ILE B 397 4.15 18.95 -23.25
CA ILE B 397 3.57 20.07 -24.00
C ILE B 397 2.45 20.66 -23.16
N GLU B 398 2.60 21.93 -22.77
CA GLU B 398 1.56 22.60 -22.00
C GLU B 398 0.69 23.47 -22.90
N CYS B 399 -0.62 23.30 -22.79
CA CYS B 399 -1.56 24.02 -23.67
C CYS B 399 -2.28 25.14 -22.94
N ASP B 400 -2.97 26.00 -23.68
CA ASP B 400 -3.67 27.14 -23.10
C ASP B 400 -5.11 26.83 -22.74
N ARG B 401 -5.50 25.58 -22.88
CA ARG B 401 -6.87 25.14 -22.62
C ARG B 401 -6.88 23.66 -22.27
N PRO B 402 -7.94 23.17 -21.61
CA PRO B 402 -7.97 21.75 -21.25
C PRO B 402 -7.90 20.85 -22.47
N VAL B 403 -7.27 19.69 -22.32
CA VAL B 403 -7.21 18.71 -23.40
C VAL B 403 -8.37 17.73 -23.25
N ASP B 404 -9.22 17.66 -24.27
CA ASP B 404 -10.36 16.75 -24.27
C ASP B 404 -9.88 15.32 -24.45
N LEU B 405 -10.07 14.50 -23.42
CA LEU B 405 -9.63 13.11 -23.46
C LEU B 405 -10.35 12.31 -24.54
N ALA B 406 -11.61 12.66 -24.80
CA ALA B 406 -12.41 11.95 -25.78
C ALA B 406 -11.85 12.11 -27.20
N VAL B 407 -11.15 13.21 -27.44
CA VAL B 407 -10.53 13.44 -28.73
C VAL B 407 -9.07 12.99 -28.74
N ALA B 408 -8.34 13.35 -27.69
CA ALA B 408 -6.90 13.08 -27.61
C ALA B 408 -6.55 11.59 -27.59
N THR B 409 -7.28 10.80 -26.81
CA THR B 409 -6.91 9.39 -26.63
C THR B 409 -7.03 8.59 -27.94
N PRO B 410 -8.18 8.71 -28.65
CA PRO B 410 -8.20 8.01 -29.94
C PRO B 410 -7.27 8.63 -30.97
N ALA B 411 -7.06 9.93 -30.91
CA ALA B 411 -6.13 10.58 -31.84
C ALA B 411 -4.73 9.99 -31.71
N ALA B 412 -4.29 9.74 -30.48
CA ALA B 412 -2.98 9.15 -30.27
C ALA B 412 -2.97 7.66 -30.58
N LEU B 413 -4.04 6.95 -30.20
CA LEU B 413 -4.14 5.53 -30.51
C LEU B 413 -4.11 5.28 -32.01
N ASP B 414 -4.73 6.19 -32.77
CA ASP B 414 -4.74 6.09 -34.23
C ASP B 414 -3.33 6.20 -34.80
N ARG B 415 -2.43 6.75 -33.99
CA ARG B 415 -1.05 6.93 -34.39
C ARG B 415 -0.13 5.97 -33.65
N GLY B 416 -0.73 4.97 -33.02
CA GLY B 416 0.00 3.87 -32.41
C GLY B 416 0.64 4.17 -31.06
N VAL B 417 0.04 5.10 -30.33
CA VAL B 417 0.63 5.53 -29.07
C VAL B 417 -0.46 5.62 -28.00
N TRP B 418 -0.15 5.04 -26.83
CA TRP B 418 -0.97 5.24 -25.65
C TRP B 418 -0.49 6.48 -24.90
N LEU B 419 -1.32 7.51 -24.90
CA LEU B 419 -1.07 8.77 -24.19
C LEU B 419 -2.28 9.09 -23.33
N ARG B 420 -2.04 9.62 -22.14
N ARG B 420 -2.05 9.62 -22.13
CA ARG B 420 -3.16 10.07 -21.33
CA ARG B 420 -3.16 10.08 -21.31
C ARG B 420 -2.91 11.49 -20.82
C ARG B 420 -2.90 11.49 -20.83
N PRO B 421 -3.42 12.48 -21.54
CA PRO B 421 -3.31 13.88 -21.12
C PRO B 421 -3.99 14.11 -19.77
N PHE B 422 -3.61 15.19 -19.12
CA PHE B 422 -4.25 15.60 -17.87
C PHE B 422 -4.35 17.12 -17.90
N ARG B 423 -5.51 17.65 -17.56
CA ARG B 423 -5.77 19.09 -17.60
C ARG B 423 -5.36 19.68 -18.95
N ASN B 424 -4.40 20.61 -18.92
CA ASN B 424 -3.91 21.24 -20.16
C ASN B 424 -2.58 20.67 -20.63
N LEU B 425 -2.24 19.47 -20.15
CA LEU B 425 -0.92 18.91 -20.42
C LEU B 425 -0.97 17.68 -21.31
N VAL B 426 -0.11 17.65 -22.31
CA VAL B 426 0.12 16.46 -23.13
C VAL B 426 1.55 16.04 -22.85
N TYR B 427 1.74 14.88 -22.22
CA TYR B 427 3.08 14.53 -21.75
C TYR B 427 3.39 13.05 -21.84
N ALA B 428 4.67 12.72 -21.79
CA ALA B 428 5.13 11.33 -21.82
C ALA B 428 6.30 11.12 -20.88
N MET B 429 6.40 9.90 -20.36
CA MET B 429 7.58 9.48 -19.61
C MET B 429 7.88 8.06 -20.08
N PRO B 430 8.53 7.94 -21.24
CA PRO B 430 8.60 6.65 -21.91
C PRO B 430 9.60 5.69 -21.27
N PRO B 431 9.43 4.39 -21.54
CA PRO B 431 10.39 3.39 -21.06
C PRO B 431 11.81 3.71 -21.52
N TYR B 432 12.80 3.37 -20.70
CA TYR B 432 14.18 3.71 -21.02
C TYR B 432 14.67 2.95 -22.24
N ILE B 433 13.98 1.85 -22.56
CA ILE B 433 14.36 0.99 -23.68
C ILE B 433 13.81 1.43 -25.04
N CYS B 434 13.13 2.57 -25.07
CA CYS B 434 12.57 3.05 -26.34
C CYS B 434 13.68 3.42 -27.33
N THR B 435 13.55 2.91 -28.55
CA THR B 435 14.48 3.24 -29.64
C THR B 435 14.23 4.66 -30.15
N PRO B 436 15.20 5.24 -30.88
CA PRO B 436 14.94 6.56 -31.46
C PRO B 436 13.68 6.59 -32.35
N ALA B 437 13.40 5.50 -33.06
CA ALA B 437 12.22 5.43 -33.91
C ALA B 437 10.95 5.48 -33.06
N GLU B 438 10.98 4.80 -31.93
CA GLU B 438 9.84 4.78 -31.03
C GLU B 438 9.61 6.15 -30.37
N ILE B 439 10.69 6.86 -30.05
CA ILE B 439 10.54 8.20 -29.48
C ILE B 439 10.01 9.18 -30.55
N THR B 440 10.44 8.99 -31.79
CA THR B 440 9.89 9.77 -32.89
C THR B 440 8.39 9.52 -33.03
N GLN B 441 7.99 8.25 -32.91
CA GLN B 441 6.56 7.91 -33.00
C GLN B 441 5.78 8.55 -31.85
N ILE B 442 6.31 8.46 -30.63
CA ILE B 442 5.65 9.06 -29.49
C ILE B 442 5.52 10.58 -29.61
N THR B 443 6.62 11.26 -29.96
CA THR B 443 6.59 12.72 -30.02
C THR B 443 5.68 13.20 -31.16
N SER B 444 5.66 12.47 -32.27
CA SER B 444 4.78 12.80 -33.38
CA SER B 444 4.78 12.81 -33.37
C SER B 444 3.31 12.78 -32.94
N ALA B 445 2.95 11.75 -32.17
CA ALA B 445 1.59 11.63 -31.67
C ALA B 445 1.25 12.78 -30.74
N MET B 446 2.22 13.14 -29.88
CA MET B 446 2.01 14.23 -28.93
C MET B 446 1.79 15.56 -29.65
N VAL B 447 2.60 15.83 -30.66
CA VAL B 447 2.48 17.06 -31.44
C VAL B 447 1.12 17.11 -32.14
N GLU B 448 0.67 15.98 -32.67
CA GLU B 448 -0.61 15.95 -33.34
C GLU B 448 -1.79 16.12 -32.38
N VAL B 449 -1.64 15.63 -31.15
CA VAL B 449 -2.66 15.86 -30.14
C VAL B 449 -2.75 17.35 -29.81
N ALA B 450 -1.60 17.99 -29.70
CA ALA B 450 -1.56 19.42 -29.40
C ALA B 450 -2.15 20.22 -30.57
N ARG B 451 -1.88 19.77 -31.79
CA ARG B 451 -2.42 20.42 -32.98
C ARG B 451 -3.95 20.38 -32.98
N LEU B 452 -4.50 19.24 -32.55
CA LEU B 452 -5.94 19.08 -32.46
C LEU B 452 -6.56 19.97 -31.40
N VAL B 453 -5.80 20.26 -30.35
CA VAL B 453 -6.32 21.07 -29.25
C VAL B 453 -6.57 22.50 -29.72
N GLY B 454 -5.66 23.01 -30.55
CA GLY B 454 -5.77 24.38 -31.04
C GLY B 454 -6.73 24.56 -32.20
N SER B 455 -7.21 23.44 -32.76
N SER B 455 -7.21 23.44 -32.75
CA SER B 455 -8.10 23.51 -33.91
CA SER B 455 -8.10 23.48 -33.90
C SER B 455 -9.55 23.77 -33.48
C SER B 455 -9.54 23.78 -33.48
N LEU B 456 -9.90 23.33 -32.28
CA LEU B 456 -11.25 23.49 -31.73
C LEU B 456 -12.30 22.78 -32.59
#